data_6YE4
#
_entry.id   6YE4
#
_cell.length_a   1.00
_cell.length_b   1.00
_cell.length_c   1.00
_cell.angle_alpha   90.00
_cell.angle_beta   90.00
_cell.angle_gamma   90.00
#
_symmetry.space_group_name_H-M   'P 1'
#
loop_
_entity.id
_entity.type
_entity.pdbx_description
1 polymer 'Biopolymer transport protein ExbB'
2 non-polymer '(1S)-2-{[{[(2R)-2,3-DIHYDROXYPROPYL]OXY}(HYDROXY)PHOSPHORYL]OXY}-1-[(PALMITOYLOXY)METHYL]ETHYL STEARATE'
#
_entity_poly.entity_id   1
_entity_poly.type   'polypeptide(L)'
_entity_poly.pdbx_seq_one_letter_code
;APAANPAVTESVAPTTAPAPAAAAPESITPVNPAPTIQPPETRGMDLSIWGMYQHADAVVKAVMIGLVLASIVTWTILFA
KGSELLRAKRRLRREQLALAEARSLDEASELAQNFSPESVSAVLLNDAQNELELSAESNDNNGIKERTGFRLERRVAAYS
RNMGRGNGFLATIGAISPFVGLFGTVWGIMNSFIGIAHSQTTNLAVVAPGIAEALLATAMGLVAAIPAVVIYNIFARVIS
GHRAQVGDVAAQVLLLQGRDLDLAATAEAKRSQHAHQLRAGHHHHHH
;
_entity_poly.pdbx_strand_id   A,B,C,D,E
#
loop_
_chem_comp.id
_chem_comp.type
_chem_comp.name
_chem_comp.formula
PGT non-polymer '(1S)-2-{[{[(2R)-2,3-DIHYDROXYPROPYL]OXY}(HYDROXY)PHOSPHORYL]OXY}-1-[(PALMITOYLOXY)METHYL]ETHYL STEARATE' 'C40 H79 O10 P'
#
# COMPACT_ATOMS: atom_id res chain seq x y z
N ASP A 46 -40.11 26.86 -15.25
CA ASP A 46 -40.27 25.49 -15.67
C ASP A 46 -38.90 24.86 -15.57
N LEU A 47 -37.95 25.62 -15.02
CA LEU A 47 -36.57 25.17 -14.91
C LEU A 47 -36.17 25.00 -13.45
N SER A 48 -37.04 24.43 -12.63
CA SER A 48 -36.64 24.08 -11.28
C SER A 48 -35.90 22.75 -11.34
N ILE A 49 -35.43 22.27 -10.20
CA ILE A 49 -34.66 21.01 -10.15
C ILE A 49 -35.51 19.85 -10.63
N TRP A 50 -36.80 19.88 -10.33
CA TRP A 50 -37.65 18.85 -10.91
C TRP A 50 -38.02 19.23 -12.33
N GLY A 51 -38.21 20.51 -12.58
CA GLY A 51 -38.50 20.98 -13.93
C GLY A 51 -37.45 20.59 -14.95
N MET A 52 -36.17 20.70 -14.59
CA MET A 52 -35.10 20.35 -15.51
C MET A 52 -35.04 18.86 -15.75
N TYR A 53 -35.28 18.04 -14.73
CA TYR A 53 -35.21 16.60 -14.93
C TYR A 53 -36.22 16.08 -15.94
N GLN A 54 -37.47 16.54 -15.88
CA GLN A 54 -38.52 15.99 -16.75
C GLN A 54 -38.47 16.57 -18.15
N HIS A 55 -37.71 17.62 -18.34
CA HIS A 55 -37.46 18.30 -19.60
C HIS A 55 -36.14 17.82 -20.20
N ALA A 56 -35.55 16.78 -19.64
CA ALA A 56 -34.26 16.28 -20.09
C ALA A 56 -34.40 15.17 -21.12
N ASP A 57 -33.26 14.70 -21.62
CA ASP A 57 -33.19 13.64 -22.62
C ASP A 57 -33.41 12.29 -21.98
N ALA A 58 -33.37 11.25 -22.77
CA ALA A 58 -33.51 9.92 -22.20
C ALA A 58 -32.25 9.50 -21.50
N VAL A 59 -31.09 9.76 -22.11
CA VAL A 59 -29.83 9.38 -21.49
C VAL A 59 -29.53 10.26 -20.30
N VAL A 60 -29.88 11.55 -20.35
CA VAL A 60 -29.62 12.41 -19.21
C VAL A 60 -30.52 12.05 -18.03
N LYS A 61 -31.79 11.70 -18.28
CA LYS A 61 -32.64 11.21 -17.20
C LYS A 61 -32.17 9.89 -16.65
N ALA A 62 -31.62 9.02 -17.48
CA ALA A 62 -31.09 7.78 -16.96
C ALA A 62 -29.90 8.03 -16.07
N VAL A 63 -29.05 8.96 -16.45
CA VAL A 63 -27.91 9.35 -15.62
C VAL A 63 -28.38 9.92 -14.29
N MET A 64 -29.41 10.77 -14.32
CA MET A 64 -29.88 11.40 -13.10
C MET A 64 -30.55 10.41 -12.16
N ILE A 65 -31.36 9.47 -12.66
CA ILE A 65 -31.94 8.52 -11.72
C ILE A 65 -30.91 7.50 -11.28
N GLY A 66 -29.86 7.26 -12.05
CA GLY A 66 -28.78 6.45 -11.55
C GLY A 66 -28.03 7.11 -10.42
N LEU A 67 -27.84 8.43 -10.52
CA LEU A 67 -27.17 9.14 -9.43
C LEU A 67 -28.06 9.28 -8.21
N VAL A 68 -29.36 9.42 -8.37
CA VAL A 68 -30.26 9.44 -7.23
C VAL A 68 -30.30 8.07 -6.55
N LEU A 69 -30.28 6.99 -7.32
CA LEU A 69 -30.22 5.67 -6.69
C LEU A 69 -28.89 5.43 -6.02
N ALA A 70 -27.81 6.01 -6.52
CA ALA A 70 -26.53 5.92 -5.83
C ALA A 70 -26.57 6.70 -4.52
N SER A 71 -27.25 7.82 -4.49
CA SER A 71 -27.39 8.57 -3.25
C SER A 71 -28.27 7.83 -2.23
N ILE A 72 -29.34 7.18 -2.68
CA ILE A 72 -30.18 6.39 -1.80
C ILE A 72 -29.41 5.24 -1.21
N VAL A 73 -28.60 4.56 -2.01
CA VAL A 73 -27.77 3.48 -1.51
C VAL A 73 -26.71 4.00 -0.55
N THR A 74 -26.17 5.21 -0.79
CA THR A 74 -25.16 5.79 0.09
C THR A 74 -25.71 6.04 1.48
N TRP A 75 -26.84 6.72 1.55
CA TRP A 75 -27.43 7.03 2.84
C TRP A 75 -28.05 5.80 3.49
N THR A 76 -28.45 4.81 2.73
CA THR A 76 -28.95 3.58 3.33
C THR A 76 -27.83 2.73 3.90
N ILE A 77 -26.68 2.67 3.21
CA ILE A 77 -25.50 1.99 3.76
C ILE A 77 -25.09 2.66 5.05
N LEU A 78 -25.15 4.00 5.11
CA LEU A 78 -24.85 4.72 6.34
C LEU A 78 -25.81 4.38 7.46
N PHE A 79 -27.08 4.65 7.27
CA PHE A 79 -28.03 4.44 8.36
C PHE A 79 -28.36 3.00 8.62
N ALA A 80 -27.88 2.04 7.86
CA ALA A 80 -28.17 0.67 8.16
C ALA A 80 -26.97 -0.19 8.40
N LYS A 81 -25.77 0.32 8.23
CA LYS A 81 -24.59 -0.37 8.64
C LYS A 81 -23.79 0.42 9.63
N GLY A 82 -23.90 1.75 9.64
CA GLY A 82 -23.34 2.49 10.74
C GLY A 82 -24.04 2.20 12.03
N SER A 83 -25.33 1.91 11.96
CA SER A 83 -26.06 1.45 13.13
C SER A 83 -25.57 0.10 13.61
N GLU A 84 -25.32 -0.85 12.71
CA GLU A 84 -24.78 -2.15 13.11
C GLU A 84 -23.35 -2.04 13.59
N LEU A 85 -22.55 -1.15 13.02
CA LEU A 85 -21.18 -0.96 13.45
C LEU A 85 -21.13 -0.35 14.83
N LEU A 86 -21.96 0.66 15.09
CA LEU A 86 -21.98 1.26 16.40
C LEU A 86 -22.57 0.34 17.44
N ARG A 87 -23.53 -0.49 17.06
CA ARG A 87 -24.05 -1.46 17.99
C ARG A 87 -23.00 -2.50 18.34
N ALA A 88 -22.26 -2.96 17.36
CA ALA A 88 -21.20 -3.92 17.62
C ALA A 88 -20.05 -3.31 18.38
N LYS A 89 -19.76 -2.02 18.18
CA LYS A 89 -18.73 -1.37 18.96
C LYS A 89 -19.11 -1.27 20.42
N ARG A 90 -20.34 -0.84 20.69
CA ARG A 90 -20.81 -0.77 22.06
C ARG A 90 -21.03 -2.13 22.67
N ARG A 91 -21.17 -3.18 21.90
CA ARG A 91 -21.29 -4.50 22.50
C ARG A 91 -19.94 -5.09 22.83
N LEU A 92 -18.96 -4.91 21.96
CA LEU A 92 -17.64 -5.42 22.28
C LEU A 92 -16.98 -4.63 23.37
N ARG A 93 -17.38 -3.37 23.55
CA ARG A 93 -16.87 -2.59 24.68
C ARG A 93 -17.37 -3.15 26.00
N ARG A 94 -18.62 -3.57 26.06
CA ARG A 94 -19.12 -4.18 27.28
C ARG A 94 -18.46 -5.53 27.54
N GLU A 95 -18.26 -6.31 26.50
CA GLU A 95 -17.58 -7.58 26.69
C GLU A 95 -16.10 -7.42 27.01
N GLN A 96 -15.49 -6.37 26.52
CA GLN A 96 -14.10 -6.11 26.81
C GLN A 96 -13.91 -5.68 28.25
N LEU A 97 -14.84 -4.87 28.75
CA LEU A 97 -14.81 -4.50 30.16
C LEU A 97 -15.13 -5.66 31.06
N ALA A 98 -15.95 -6.61 30.60
CA ALA A 98 -16.22 -7.76 31.44
C ALA A 98 -15.02 -8.68 31.51
N LEU A 99 -14.40 -8.98 30.39
CA LEU A 99 -13.29 -9.91 30.38
C LEU A 99 -11.98 -9.26 30.79
N ALA A 100 -11.94 -7.95 31.06
CA ALA A 100 -10.68 -7.33 31.42
C ALA A 100 -10.22 -7.70 32.82
N GLU A 101 -11.07 -8.33 33.62
CA GLU A 101 -10.72 -8.78 34.94
C GLU A 101 -10.45 -10.28 34.99
N ALA A 102 -10.23 -10.91 33.85
CA ALA A 102 -10.03 -12.34 33.78
C ALA A 102 -8.58 -12.71 34.02
N ARG A 103 -8.38 -13.85 34.67
CA ARG A 103 -7.07 -14.36 34.96
C ARG A 103 -6.81 -15.74 34.38
N SER A 104 -7.78 -16.36 33.73
CA SER A 104 -7.56 -17.62 33.05
C SER A 104 -8.54 -17.72 31.92
N LEU A 105 -8.45 -18.78 31.14
CA LEU A 105 -9.42 -18.92 30.08
C LEU A 105 -10.71 -19.49 30.62
N ASP A 106 -10.66 -20.20 31.74
CA ASP A 106 -11.88 -20.70 32.33
C ASP A 106 -12.70 -19.59 32.98
N GLU A 107 -12.06 -18.62 33.64
CA GLU A 107 -12.82 -17.47 34.13
C GLU A 107 -13.37 -16.64 32.99
N ALA A 108 -12.65 -16.53 31.89
CA ALA A 108 -13.18 -15.80 30.75
C ALA A 108 -14.34 -16.54 30.11
N SER A 109 -14.29 -17.87 30.09
CA SER A 109 -15.42 -18.60 29.56
C SER A 109 -16.62 -18.53 30.49
N GLU A 110 -16.40 -18.52 31.80
CA GLU A 110 -17.50 -18.38 32.73
C GLU A 110 -18.11 -16.99 32.69
N LEU A 111 -17.32 -15.97 32.42
CA LEU A 111 -17.88 -14.64 32.28
C LEU A 111 -18.51 -14.45 30.93
N ALA A 112 -18.12 -15.26 29.96
CA ALA A 112 -18.66 -15.14 28.62
C ALA A 112 -19.82 -16.05 28.36
N GLN A 113 -20.19 -16.86 29.34
CA GLN A 113 -21.36 -17.71 29.19
C GLN A 113 -22.62 -16.90 29.01
N ASN A 114 -22.71 -15.74 29.65
CA ASN A 114 -23.88 -14.88 29.59
C ASN A 114 -23.69 -13.69 28.66
N PHE A 115 -22.95 -13.85 27.58
CA PHE A 115 -22.78 -12.78 26.62
C PHE A 115 -23.88 -12.89 25.59
N SER A 116 -23.83 -12.03 24.60
CA SER A 116 -24.81 -12.06 23.52
C SER A 116 -24.60 -13.31 22.67
N PRO A 117 -25.65 -13.83 22.03
CA PRO A 117 -25.47 -15.01 21.20
C PRO A 117 -24.62 -14.77 19.97
N GLU A 118 -24.90 -13.66 19.31
CA GLU A 118 -24.17 -13.24 18.12
C GLU A 118 -23.02 -12.29 18.43
N SER A 119 -22.19 -12.69 19.36
CA SER A 119 -21.09 -11.85 19.81
C SER A 119 -19.82 -12.25 19.11
N VAL A 120 -18.72 -11.67 19.55
CA VAL A 120 -17.39 -11.96 19.03
C VAL A 120 -16.55 -12.64 20.08
N SER A 121 -16.62 -12.16 21.30
CA SER A 121 -15.76 -12.64 22.35
C SER A 121 -16.08 -14.08 22.71
N ALA A 122 -17.36 -14.45 22.65
CA ALA A 122 -17.72 -15.85 22.87
C ALA A 122 -17.26 -16.74 21.73
N VAL A 123 -17.25 -16.23 20.50
CA VAL A 123 -16.75 -17.01 19.36
C VAL A 123 -15.26 -17.25 19.47
N LEU A 124 -14.50 -16.22 19.81
CA LEU A 124 -13.08 -16.37 19.95
C LEU A 124 -12.73 -17.21 21.14
N LEU A 125 -13.48 -17.10 22.22
CA LEU A 125 -13.22 -17.95 23.37
C LEU A 125 -13.58 -19.39 23.11
N ASN A 126 -14.62 -19.65 22.33
CA ASN A 126 -14.89 -21.02 21.97
C ASN A 126 -13.84 -21.59 21.03
N ASP A 127 -13.25 -20.78 20.14
CA ASP A 127 -12.13 -21.28 19.32
C ASP A 127 -10.97 -21.69 20.20
N ALA A 128 -10.58 -20.83 21.12
CA ALA A 128 -9.48 -21.17 22.01
C ALA A 128 -9.76 -22.42 22.81
N GLN A 129 -10.95 -22.52 23.40
CA GLN A 129 -11.27 -23.70 24.20
C GLN A 129 -11.46 -24.94 23.35
N ASN A 130 -12.02 -24.76 22.15
CA ASN A 130 -12.19 -25.86 21.21
C ASN A 130 -10.87 -26.44 20.81
N GLU A 131 -9.89 -25.59 20.50
CA GLU A 131 -8.55 -26.07 20.20
C GLU A 131 -7.95 -26.79 21.37
N LEU A 132 -8.15 -26.28 22.58
CA LEU A 132 -7.67 -26.98 23.76
C LEU A 132 -8.28 -28.37 23.93
N GLU A 133 -9.51 -28.60 23.47
CA GLU A 133 -10.05 -29.96 23.55
C GLU A 133 -9.84 -30.81 22.30
N LEU A 134 -9.63 -30.21 21.13
CA LEU A 134 -9.25 -30.99 19.95
C LEU A 134 -7.83 -31.47 20.07
N SER A 135 -6.96 -30.65 20.64
CA SER A 135 -5.60 -31.02 20.91
C SER A 135 -5.41 -31.52 22.31
N ALA A 136 -6.43 -32.12 22.90
CA ALA A 136 -6.17 -32.86 24.11
C ALA A 136 -5.40 -34.11 23.74
N GLU A 137 -4.62 -34.62 24.67
CA GLU A 137 -3.70 -35.78 24.52
C GLU A 137 -2.65 -35.53 23.45
N SER A 138 -2.34 -34.26 23.26
CA SER A 138 -1.21 -33.72 22.52
C SER A 138 -0.39 -32.87 23.46
N ASN A 139 0.83 -33.28 23.75
CA ASN A 139 1.65 -32.64 24.75
C ASN A 139 2.44 -31.46 24.25
N ASP A 140 2.34 -31.13 22.98
CA ASP A 140 3.11 -30.04 22.41
C ASP A 140 2.35 -28.75 22.62
N ASN A 141 2.71 -27.96 23.63
CA ASN A 141 1.95 -26.76 23.94
C ASN A 141 2.28 -25.64 22.98
N ASN A 142 3.45 -25.65 22.39
CA ASN A 142 3.75 -24.63 21.41
C ASN A 142 2.93 -24.88 20.19
N GLY A 143 2.63 -26.13 19.91
CA GLY A 143 1.72 -26.46 18.84
C GLY A 143 0.34 -25.86 19.02
N ILE A 144 -0.28 -26.09 20.19
CA ILE A 144 -1.60 -25.53 20.50
C ILE A 144 -1.62 -24.02 20.41
N LYS A 145 -0.55 -23.36 20.86
CA LYS A 145 -0.49 -21.91 20.75
C LYS A 145 -0.41 -21.45 19.31
N GLU A 146 0.42 -22.10 18.49
CA GLU A 146 0.47 -21.72 17.07
C GLU A 146 -0.81 -22.04 16.33
N ARG A 147 -1.47 -23.16 16.65
CA ARG A 147 -2.71 -23.48 15.96
C ARG A 147 -3.85 -22.58 16.41
N THR A 148 -3.91 -22.21 17.69
CA THR A 148 -4.92 -21.25 18.15
C THR A 148 -4.69 -19.89 17.58
N GLY A 149 -3.45 -19.43 17.53
CA GLY A 149 -3.18 -18.17 16.88
C GLY A 149 -3.55 -18.19 15.43
N PHE A 150 -3.41 -19.35 14.79
CA PHE A 150 -3.80 -19.48 13.41
C PHE A 150 -5.30 -19.41 13.22
N ARG A 151 -6.06 -20.14 14.05
CA ARG A 151 -7.51 -20.09 13.97
C ARG A 151 -8.06 -18.73 14.33
N LEU A 152 -7.47 -18.05 15.30
CA LEU A 152 -7.99 -16.75 15.71
C LEU A 152 -7.64 -15.68 14.72
N GLU A 153 -6.49 -15.73 14.07
CA GLU A 153 -6.27 -14.74 13.04
C GLU A 153 -7.13 -15.03 11.81
N ARG A 154 -7.47 -16.29 11.57
CA ARG A 154 -8.43 -16.59 10.51
C ARG A 154 -9.81 -16.08 10.85
N ARG A 155 -10.22 -16.23 12.11
CA ARG A 155 -11.54 -15.80 12.58
C ARG A 155 -11.66 -14.29 12.66
N VAL A 156 -10.61 -13.62 13.11
CA VAL A 156 -10.56 -12.17 13.16
C VAL A 156 -10.57 -11.60 11.77
N ALA A 157 -9.86 -12.25 10.85
CA ALA A 157 -9.88 -11.82 9.47
C ALA A 157 -11.24 -11.98 8.85
N ALA A 158 -11.95 -13.06 9.17
CA ALA A 158 -13.29 -13.26 8.63
C ALA A 158 -14.26 -12.24 9.20
N TYR A 159 -14.14 -11.94 10.48
CA TYR A 159 -15.04 -10.99 11.12
C TYR A 159 -14.82 -9.59 10.57
N SER A 160 -13.58 -9.22 10.39
CA SER A 160 -13.24 -7.91 9.89
C SER A 160 -13.57 -7.77 8.44
N ARG A 161 -13.59 -8.88 7.71
CA ARG A 161 -14.04 -8.84 6.33
CA ARG A 161 -14.04 -8.84 6.33
C ARG A 161 -15.55 -8.67 6.25
N ASN A 162 -16.29 -9.23 7.20
CA ASN A 162 -17.74 -9.14 7.13
C ASN A 162 -18.21 -7.80 7.64
N MET A 163 -17.32 -7.08 8.30
CA MET A 163 -17.62 -5.76 8.85
C MET A 163 -17.71 -4.75 7.74
N GLY A 164 -16.73 -4.74 6.87
CA GLY A 164 -16.71 -3.86 5.73
C GLY A 164 -17.37 -4.43 4.51
N ARG A 165 -18.69 -4.56 4.52
CA ARG A 165 -19.43 -5.04 3.36
C ARG A 165 -19.78 -3.92 2.41
N GLY A 166 -20.37 -2.87 2.93
CA GLY A 166 -20.75 -1.76 2.11
C GLY A 166 -19.63 -0.88 1.67
N ASN A 167 -18.40 -1.17 2.05
CA ASN A 167 -17.27 -0.34 1.69
C ASN A 167 -16.99 -0.38 0.20
N GLY A 168 -17.20 -1.50 -0.45
CA GLY A 168 -17.01 -1.57 -1.88
C GLY A 168 -18.00 -0.72 -2.62
N PHE A 169 -19.24 -0.70 -2.16
CA PHE A 169 -20.24 0.18 -2.74
C PHE A 169 -19.89 1.64 -2.56
N LEU A 170 -19.44 2.01 -1.36
CA LEU A 170 -19.15 3.41 -1.12
C LEU A 170 -17.94 3.86 -1.89
N ALA A 171 -16.91 3.02 -2.00
CA ALA A 171 -15.72 3.37 -2.76
C ALA A 171 -16.02 3.46 -4.25
N THR A 172 -16.82 2.55 -4.78
CA THR A 172 -17.18 2.61 -6.19
C THR A 172 -18.06 3.80 -6.49
N ILE A 173 -19.01 4.13 -5.62
CA ILE A 173 -19.88 5.27 -5.88
C ILE A 173 -19.10 6.56 -5.81
N GLY A 174 -18.29 6.73 -4.79
CA GLY A 174 -17.51 7.94 -4.71
C GLY A 174 -16.41 8.06 -5.73
N ALA A 175 -16.01 6.96 -6.36
CA ALA A 175 -15.04 7.05 -7.43
C ALA A 175 -15.67 7.29 -8.78
N ILE A 176 -16.75 6.59 -9.12
CA ILE A 176 -17.30 6.70 -10.45
C ILE A 176 -18.39 7.72 -10.57
N SER A 177 -18.90 8.25 -9.49
CA SER A 177 -19.98 9.19 -9.62
C SER A 177 -19.66 10.53 -10.24
N PRO A 178 -18.51 11.17 -10.04
CA PRO A 178 -18.23 12.32 -10.86
C PRO A 178 -18.02 11.98 -12.32
N PHE A 179 -17.60 10.76 -12.66
CA PHE A 179 -17.53 10.39 -14.07
C PHE A 179 -18.91 10.17 -14.68
N VAL A 180 -19.86 9.63 -13.92
CA VAL A 180 -21.20 9.47 -14.45
C VAL A 180 -21.87 10.82 -14.59
N GLY A 181 -21.62 11.73 -13.66
CA GLY A 181 -22.09 13.08 -13.87
C GLY A 181 -21.41 13.76 -15.02
N LEU A 182 -20.13 13.47 -15.24
CA LEU A 182 -19.41 14.05 -16.36
C LEU A 182 -19.88 13.49 -17.69
N PHE A 183 -20.26 12.21 -17.73
CA PHE A 183 -20.86 11.65 -18.93
C PHE A 183 -22.19 12.30 -19.20
N GLY A 184 -22.95 12.59 -18.16
CA GLY A 184 -24.21 13.27 -18.34
C GLY A 184 -24.04 14.65 -18.92
N THR A 185 -23.08 15.41 -18.42
CA THR A 185 -22.90 16.73 -19.00
C THR A 185 -22.24 16.73 -20.37
N VAL A 186 -21.39 15.74 -20.67
CA VAL A 186 -20.82 15.64 -22.00
C VAL A 186 -21.89 15.28 -23.02
N TRP A 187 -22.81 14.38 -22.65
CA TRP A 187 -23.93 14.11 -23.53
C TRP A 187 -24.88 15.28 -23.62
N GLY A 188 -25.04 16.07 -22.57
CA GLY A 188 -25.90 17.23 -22.67
C GLY A 188 -25.36 18.29 -23.59
N ILE A 189 -24.07 18.60 -23.47
CA ILE A 189 -23.44 19.57 -24.37
C ILE A 189 -23.31 19.02 -25.79
N MET A 190 -23.14 17.72 -25.94
CA MET A 190 -23.06 17.13 -27.27
C MET A 190 -24.40 17.22 -27.96
N ASN A 191 -25.48 16.96 -27.24
CA ASN A 191 -26.78 17.17 -27.84
C ASN A 191 -27.08 18.63 -28.06
N SER A 192 -26.52 19.51 -27.25
CA SER A 192 -26.69 20.92 -27.52
C SER A 192 -25.99 21.35 -28.79
N PHE A 193 -24.79 20.83 -29.05
CA PHE A 193 -24.09 21.16 -30.29
C PHE A 193 -24.74 20.51 -31.49
N ILE A 194 -25.32 19.34 -31.32
CA ILE A 194 -26.09 18.75 -32.40
C ILE A 194 -27.32 19.60 -32.68
N GLY A 195 -27.96 20.12 -31.64
CA GLY A 195 -29.08 21.01 -31.85
C GLY A 195 -28.70 22.35 -32.44
N ILE A 196 -27.46 22.78 -32.23
CA ILE A 196 -26.99 24.03 -32.84
C ILE A 196 -26.43 23.83 -34.24
N ALA A 197 -26.09 22.61 -34.62
CA ALA A 197 -25.65 22.28 -35.96
C ALA A 197 -26.80 21.91 -36.88
N HIS A 198 -27.86 21.32 -36.33
CA HIS A 198 -29.00 20.95 -37.15
C HIS A 198 -29.79 22.17 -37.57
N SER A 199 -30.00 23.09 -36.65
CA SER A 199 -30.74 24.30 -36.94
C SER A 199 -29.77 25.46 -36.83
N GLN A 200 -29.69 26.27 -37.88
CA GLN A 200 -28.72 27.36 -37.85
C GLN A 200 -29.21 28.45 -36.91
N THR A 201 -28.85 28.30 -35.64
CA THR A 201 -29.30 29.19 -34.57
C THR A 201 -28.07 29.65 -33.81
N THR A 202 -27.80 30.94 -33.82
CA THR A 202 -26.54 31.40 -33.25
C THR A 202 -26.65 31.81 -31.79
N ASN A 203 -27.78 32.37 -31.36
CA ASN A 203 -27.86 32.93 -30.01
C ASN A 203 -27.90 31.85 -28.95
N LEU A 204 -27.55 32.27 -27.74
CA LEU A 204 -27.38 31.36 -26.61
C LEU A 204 -28.59 31.29 -25.72
N ALA A 205 -29.54 32.20 -25.86
CA ALA A 205 -30.74 32.13 -25.04
C ALA A 205 -31.64 30.96 -25.42
N VAL A 206 -31.41 30.32 -26.57
CA VAL A 206 -32.14 29.12 -26.97
C VAL A 206 -31.45 27.85 -26.49
N VAL A 207 -30.12 27.79 -26.62
CA VAL A 207 -29.37 26.62 -26.22
C VAL A 207 -28.99 26.62 -24.77
N ALA A 208 -29.44 27.59 -23.99
CA ALA A 208 -29.08 27.64 -22.58
C ALA A 208 -29.78 26.62 -21.67
N PRO A 209 -31.06 26.26 -21.83
CA PRO A 209 -31.58 25.17 -20.97
C PRO A 209 -30.94 23.84 -21.24
N GLY A 210 -30.40 23.60 -22.43
CA GLY A 210 -29.67 22.38 -22.67
C GLY A 210 -28.39 22.33 -21.86
N ILE A 211 -27.66 23.44 -21.84
CA ILE A 211 -26.45 23.52 -21.04
C ILE A 211 -26.76 23.47 -19.56
N ALA A 212 -27.89 24.04 -19.13
CA ALA A 212 -28.25 23.97 -17.73
C ALA A 212 -28.60 22.55 -17.29
N GLU A 213 -29.32 21.79 -18.12
CA GLU A 213 -29.61 20.39 -17.80
C GLU A 213 -28.34 19.57 -17.71
N ALA A 214 -27.42 19.80 -18.63
CA ALA A 214 -26.13 19.14 -18.59
C ALA A 214 -25.38 19.44 -17.30
N LEU A 215 -25.33 20.70 -16.92
CA LEU A 215 -24.65 21.09 -15.68
C LEU A 215 -25.35 20.52 -14.46
N LEU A 216 -26.67 20.36 -14.50
CA LEU A 216 -27.38 19.71 -13.42
C LEU A 216 -26.92 18.30 -13.25
N ALA A 217 -26.65 17.61 -14.35
CA ALA A 217 -26.16 16.25 -14.26
C ALA A 217 -24.80 16.22 -13.61
N THR A 218 -23.92 17.15 -13.95
CA THR A 218 -22.63 17.12 -13.25
C THR A 218 -22.70 17.54 -11.79
N ALA A 219 -23.59 18.48 -11.41
CA ALA A 219 -23.76 18.81 -10.00
C ALA A 219 -24.30 17.65 -9.21
N MET A 220 -25.30 16.97 -9.74
CA MET A 220 -25.83 15.77 -9.10
C MET A 220 -24.78 14.70 -9.01
N GLY A 221 -23.88 14.63 -9.97
CA GLY A 221 -22.75 13.72 -9.86
C GLY A 221 -21.90 14.02 -8.65
N LEU A 222 -21.60 15.29 -8.42
CA LEU A 222 -20.82 15.67 -7.23
C LEU A 222 -21.59 15.46 -5.92
N VAL A 223 -22.91 15.67 -5.91
CA VAL A 223 -23.70 15.42 -4.71
C VAL A 223 -23.75 13.93 -4.41
N ALA A 224 -23.79 13.08 -5.41
CA ALA A 224 -23.70 11.66 -5.11
C ALA A 224 -22.30 11.20 -4.77
N ALA A 225 -21.29 11.98 -5.12
CA ALA A 225 -19.90 11.63 -4.90
C ALA A 225 -19.37 12.00 -3.55
N ILE A 226 -19.72 13.17 -3.04
CA ILE A 226 -19.11 13.72 -1.83
C ILE A 226 -19.55 13.01 -0.55
N PRO A 227 -20.81 12.69 -0.30
CA PRO A 227 -21.09 11.79 0.81
C PRO A 227 -20.56 10.40 0.63
N ALA A 228 -20.32 9.92 -0.57
CA ALA A 228 -19.71 8.62 -0.76
C ALA A 228 -18.31 8.59 -0.15
N VAL A 229 -17.47 9.57 -0.50
CA VAL A 229 -16.12 9.66 0.06
C VAL A 229 -16.15 9.99 1.56
N VAL A 230 -16.98 10.92 2.00
CA VAL A 230 -17.03 11.27 3.42
C VAL A 230 -17.45 10.08 4.26
N ILE A 231 -18.54 9.41 3.88
CA ILE A 231 -19.03 8.25 4.61
C ILE A 231 -18.04 7.10 4.53
N TYR A 232 -17.38 6.91 3.39
CA TYR A 232 -16.33 5.90 3.29
C TYR A 232 -15.24 6.18 4.30
N ASN A 233 -14.83 7.44 4.44
CA ASN A 233 -13.77 7.78 5.37
C ASN A 233 -14.19 7.52 6.80
N ILE A 234 -15.34 8.06 7.22
CA ILE A 234 -15.94 7.75 8.53
C ILE A 234 -15.94 6.25 8.80
N PHE A 235 -16.43 5.47 7.86
CA PHE A 235 -16.56 4.04 8.05
C PHE A 235 -15.21 3.42 8.22
N ALA A 236 -14.24 3.77 7.37
CA ALA A 236 -12.87 3.32 7.50
C ALA A 236 -12.29 3.56 8.89
N ARG A 237 -12.43 4.78 9.40
CA ARG A 237 -12.00 5.08 10.78
C ARG A 237 -12.67 4.17 11.79
N VAL A 238 -14.01 4.12 11.78
CA VAL A 238 -14.78 3.31 12.73
C VAL A 238 -14.40 1.84 12.62
N ILE A 239 -14.16 1.35 11.41
CA ILE A 239 -13.91 -0.06 11.19
C ILE A 239 -12.53 -0.38 11.66
N SER A 240 -11.59 0.53 11.52
CA SER A 240 -10.26 0.33 12.08
C SER A 240 -10.29 0.33 13.60
N GLY A 241 -11.04 1.25 14.18
CA GLY A 241 -11.30 1.20 15.61
C GLY A 241 -11.86 -0.12 16.06
N HIS A 242 -12.77 -0.69 15.28
CA HIS A 242 -13.45 -1.90 15.70
C HIS A 242 -12.57 -3.10 15.44
N ARG A 243 -11.69 -3.02 14.49
CA ARG A 243 -10.88 -4.17 14.18
C ARG A 243 -9.67 -4.18 15.05
N ALA A 244 -9.35 -3.03 15.63
CA ALA A 244 -8.42 -2.98 16.73
C ALA A 244 -9.03 -3.53 18.00
N GLN A 245 -10.32 -3.31 18.23
CA GLN A 245 -10.95 -3.94 19.39
C GLN A 245 -11.02 -5.45 19.26
N VAL A 246 -11.37 -5.95 18.07
CA VAL A 246 -11.42 -7.39 17.86
C VAL A 246 -10.03 -7.99 17.95
N GLY A 247 -9.03 -7.29 17.46
CA GLY A 247 -7.67 -7.73 17.64
C GLY A 247 -7.22 -7.72 19.07
N ASP A 248 -7.71 -6.76 19.86
CA ASP A 248 -7.39 -6.73 21.29
C ASP A 248 -8.02 -7.89 22.02
N VAL A 249 -9.28 -8.23 21.72
CA VAL A 249 -9.91 -9.36 22.38
C VAL A 249 -9.23 -10.66 21.98
N ALA A 250 -8.86 -10.79 20.72
CA ALA A 250 -8.12 -11.97 20.27
C ALA A 250 -6.76 -12.05 20.94
N ALA A 251 -6.09 -10.91 21.08
CA ALA A 251 -4.85 -10.83 21.81
C ALA A 251 -5.01 -11.32 23.22
N GLN A 252 -6.02 -10.82 23.92
CA GLN A 252 -6.35 -11.26 25.27
C GLN A 252 -6.56 -12.77 25.35
N VAL A 253 -7.28 -13.35 24.40
CA VAL A 253 -7.53 -14.79 24.40
C VAL A 253 -6.24 -15.57 24.17
N LEU A 254 -5.34 -15.04 23.37
CA LEU A 254 -4.09 -15.72 23.15
C LEU A 254 -3.15 -15.56 24.31
N LEU A 255 -3.32 -14.51 25.08
CA LEU A 255 -2.45 -14.34 26.22
C LEU A 255 -2.96 -15.06 27.42
N LEU A 256 -4.25 -15.34 27.47
CA LEU A 256 -4.79 -16.10 28.58
C LEU A 256 -4.62 -17.57 28.35
N GLN A 257 -4.64 -17.98 27.10
CA GLN A 257 -4.40 -19.38 26.80
C GLN A 257 -2.92 -19.70 26.88
N GLY A 258 -2.06 -18.79 26.46
CA GLY A 258 -0.64 -19.04 26.58
C GLY A 258 -0.19 -19.06 28.02
N ARG A 259 -0.66 -18.11 28.82
CA ARG A 259 -0.31 -18.10 30.22
C ARG A 259 -0.82 -19.33 30.93
N ASP A 260 -2.04 -19.78 30.66
CA ASP A 260 -2.53 -21.01 31.29
C ASP A 260 -1.72 -22.24 30.90
N LEU A 261 -1.49 -22.45 29.62
CA LEU A 261 -0.66 -23.56 29.18
C LEU A 261 0.72 -23.52 29.82
N ASP A 262 1.33 -22.34 29.90
CA ASP A 262 2.64 -22.18 30.50
C ASP A 262 2.63 -22.54 31.98
N LEU A 263 1.68 -21.97 32.73
CA LEU A 263 1.58 -22.26 34.16
C LEU A 263 1.24 -23.72 34.44
N ALA A 264 0.39 -24.32 33.62
CA ALA A 264 0.09 -25.74 33.77
C ALA A 264 1.32 -26.60 33.53
N ALA A 265 2.01 -26.37 32.42
CA ALA A 265 3.25 -27.07 32.10
C ALA A 265 4.27 -26.93 33.20
N THR A 266 4.29 -25.80 33.89
CA THR A 266 5.23 -25.61 34.97
C THR A 266 4.87 -26.45 36.17
N ALA A 267 3.60 -26.42 36.59
CA ALA A 267 3.17 -27.24 37.72
C ALA A 267 3.38 -28.73 37.44
N GLU A 268 3.00 -29.18 36.25
CA GLU A 268 3.21 -30.57 35.84
C GLU A 268 4.68 -30.95 35.90
N ALA A 269 5.55 -30.06 35.41
CA ALA A 269 6.98 -30.31 35.48
C ALA A 269 7.44 -30.44 36.92
N LYS A 270 6.98 -29.54 37.80
CA LYS A 270 7.37 -29.58 39.21
C LYS A 270 6.92 -30.87 39.88
N ARG A 271 5.77 -31.41 39.51
CA ARG A 271 5.39 -32.69 40.12
C ARG A 271 6.15 -33.87 39.54
N SER A 272 6.47 -33.83 38.24
CA SER A 272 7.12 -34.96 37.59
C SER A 272 8.60 -35.10 37.95
N GLN A 273 9.21 -34.08 38.56
CA GLN A 273 10.62 -34.15 38.94
C GLN A 273 10.83 -35.17 40.04
N HIS A 274 9.85 -35.30 40.94
CA HIS A 274 9.94 -36.28 42.00
C HIS A 274 9.81 -37.70 41.42
N ALA A 275 8.96 -37.87 40.39
CA ALA A 275 8.87 -39.15 39.70
C ALA A 275 10.15 -39.47 38.93
N HIS A 276 10.81 -38.45 38.39
CA HIS A 276 12.06 -38.63 37.66
C HIS A 276 13.13 -39.20 38.58
N GLN A 277 13.26 -38.62 39.77
CA GLN A 277 14.22 -39.09 40.77
C GLN A 277 13.75 -40.34 41.51
N LEU A 278 12.50 -40.79 41.32
CA LEU A 278 12.12 -42.15 41.75
C LEU A 278 12.28 -43.18 40.64
N ARG A 279 12.42 -42.75 39.40
CA ARG A 279 12.61 -43.66 38.29
C ARG A 279 14.08 -43.87 37.93
N ALA A 280 14.86 -42.79 37.94
CA ALA A 280 16.28 -42.83 37.55
C ALA A 280 17.20 -43.28 38.68
N GLY A 281 16.69 -43.48 39.89
CA GLY A 281 17.51 -43.93 40.99
C GLY A 281 17.73 -45.44 40.99
N ASP B 46 -28.29 13.21 -39.85
CA ASP B 46 -27.10 12.50 -40.31
C ASP B 46 -26.12 12.54 -39.17
N LEU B 47 -26.58 13.02 -38.02
CA LEU B 47 -25.73 13.15 -36.85
C LEU B 47 -26.20 12.26 -35.72
N SER B 48 -26.58 11.02 -36.04
CA SER B 48 -26.85 10.04 -35.00
C SER B 48 -25.54 9.48 -34.52
N ILE B 49 -25.59 8.58 -33.53
CA ILE B 49 -24.36 7.99 -32.97
C ILE B 49 -23.61 7.21 -34.03
N TRP B 50 -24.32 6.56 -34.94
CA TRP B 50 -23.60 5.96 -36.04
C TRP B 50 -23.28 7.00 -37.10
N GLY B 51 -24.18 7.95 -37.30
CA GLY B 51 -23.94 9.03 -38.23
C GLY B 51 -22.68 9.82 -37.94
N MET B 52 -22.44 10.13 -36.67
CA MET B 52 -21.24 10.87 -36.29
C MET B 52 -19.98 10.07 -36.48
N TYR B 53 -20.01 8.78 -36.19
CA TYR B 53 -18.81 7.96 -36.33
C TYR B 53 -18.30 7.90 -37.78
N GLN B 54 -19.19 7.71 -38.75
CA GLN B 54 -18.74 7.54 -40.14
C GLN B 54 -18.39 8.85 -40.82
N HIS B 55 -18.77 9.95 -40.21
CA HIS B 55 -18.50 11.31 -40.64
C HIS B 55 -17.29 11.86 -39.90
N ALA B 56 -16.56 11.03 -39.18
CA ALA B 56 -15.42 11.45 -38.38
C ALA B 56 -14.11 11.33 -39.14
N ASP B 57 -13.02 11.76 -38.49
CA ASP B 57 -11.69 11.73 -39.05
C ASP B 57 -11.11 10.33 -38.97
N ALA B 58 -9.89 10.18 -39.45
CA ALA B 58 -9.27 8.87 -39.35
C ALA B 58 -8.82 8.59 -37.94
N VAL B 59 -8.22 9.57 -37.29
CA VAL B 59 -7.75 9.38 -35.92
C VAL B 59 -8.92 9.30 -34.96
N VAL B 60 -9.98 10.06 -35.20
CA VAL B 60 -11.13 9.99 -34.30
C VAL B 60 -11.86 8.65 -34.44
N LYS B 61 -11.97 8.11 -35.66
CA LYS B 61 -12.52 6.78 -35.83
C LYS B 61 -11.65 5.71 -35.23
N ALA B 62 -10.34 5.88 -35.27
CA ALA B 62 -9.47 4.91 -34.63
C ALA B 62 -9.64 4.94 -33.13
N VAL B 63 -9.81 6.13 -32.56
CA VAL B 63 -10.07 6.24 -31.13
C VAL B 63 -11.40 5.60 -30.77
N MET B 64 -12.42 5.79 -31.60
CA MET B 64 -13.73 5.22 -31.30
C MET B 64 -13.75 3.71 -31.42
N ILE B 65 -13.12 3.12 -32.43
CA ILE B 65 -13.14 1.66 -32.46
C ILE B 65 -12.20 1.09 -31.43
N GLY B 66 -11.18 1.82 -30.98
CA GLY B 66 -10.41 1.35 -29.86
C GLY B 66 -11.20 1.34 -28.58
N LEU B 67 -12.06 2.34 -28.38
CA LEU B 67 -12.89 2.34 -27.19
C LEU B 67 -14.00 1.31 -27.25
N VAL B 68 -14.54 1.04 -28.43
CA VAL B 68 -15.52 -0.02 -28.55
C VAL B 68 -14.88 -1.39 -28.32
N LEU B 69 -13.67 -1.61 -28.80
CA LEU B 69 -13.00 -2.87 -28.50
C LEU B 69 -12.63 -2.98 -27.02
N ALA B 70 -12.35 -1.87 -26.36
CA ALA B 70 -12.14 -1.91 -24.92
C ALA B 70 -13.43 -2.26 -24.18
N SER B 71 -14.56 -1.78 -24.67
CA SER B 71 -15.83 -2.16 -24.06
C SER B 71 -16.17 -3.62 -24.30
N ILE B 72 -15.89 -4.15 -25.49
CA ILE B 72 -16.13 -5.56 -25.77
C ILE B 72 -15.26 -6.43 -24.89
N VAL B 73 -14.00 -6.06 -24.70
CA VAL B 73 -13.13 -6.81 -23.81
C VAL B 73 -13.59 -6.70 -22.37
N THR B 74 -14.14 -5.55 -21.97
CA THR B 74 -14.62 -5.37 -20.60
C THR B 74 -15.78 -6.30 -20.28
N TRP B 75 -16.78 -6.31 -21.13
CA TRP B 75 -17.94 -7.16 -20.91
C TRP B 75 -17.62 -8.63 -21.15
N THR B 76 -16.64 -8.94 -21.99
CA THR B 76 -16.25 -10.33 -22.17
C THR B 76 -15.46 -10.84 -20.98
N ILE B 77 -14.60 -10.02 -20.38
CA ILE B 77 -13.91 -10.41 -19.15
C ILE B 77 -14.93 -10.65 -18.06
N LEU B 78 -15.99 -9.83 -17.99
CA LEU B 78 -17.05 -10.05 -17.01
C LEU B 78 -17.78 -11.35 -17.26
N PHE B 79 -18.40 -11.51 -18.40
CA PHE B 79 -19.19 -12.71 -18.63
C PHE B 79 -18.39 -13.95 -18.87
N ALA B 80 -17.08 -13.92 -18.96
CA ALA B 80 -16.33 -15.13 -19.13
C ALA B 80 -15.34 -15.42 -18.05
N LYS B 81 -15.13 -14.53 -17.11
CA LYS B 81 -14.36 -14.83 -15.94
C LYS B 81 -15.15 -14.66 -14.67
N GLY B 82 -16.18 -13.83 -14.67
CA GLY B 82 -17.09 -13.84 -13.56
C GLY B 82 -17.84 -15.14 -13.47
N SER B 83 -18.12 -15.76 -14.59
CA SER B 83 -18.70 -17.09 -14.59
C SER B 83 -17.76 -18.12 -14.01
N GLU B 84 -16.47 -18.07 -14.37
CA GLU B 84 -15.50 -19.00 -13.79
C GLU B 84 -15.24 -18.72 -12.32
N LEU B 85 -15.29 -17.46 -11.90
CA LEU B 85 -15.11 -17.12 -10.50
C LEU B 85 -16.27 -17.59 -9.66
N LEU B 86 -17.50 -17.39 -10.15
CA LEU B 86 -18.65 -17.84 -9.42
C LEU B 86 -18.75 -19.34 -9.42
N ARG B 87 -18.33 -20.00 -10.48
CA ARG B 87 -18.32 -21.45 -10.47
C ARG B 87 -17.31 -21.98 -9.49
N ALA B 88 -16.13 -21.38 -9.42
CA ALA B 88 -15.13 -21.80 -8.46
C ALA B 88 -15.52 -21.47 -7.03
N LYS B 89 -16.24 -20.37 -6.82
CA LYS B 89 -16.71 -20.07 -5.48
C LYS B 89 -17.72 -21.08 -5.02
N ARG B 90 -18.68 -21.42 -5.87
CA ARG B 90 -19.67 -22.43 -5.52
C ARG B 90 -19.09 -23.82 -5.46
N ARG B 91 -17.95 -24.08 -6.06
CA ARG B 91 -17.35 -25.38 -5.94
C ARG B 91 -16.54 -25.49 -4.66
N LEU B 92 -15.81 -24.46 -4.30
CA LEU B 92 -15.06 -24.51 -3.07
C LEU B 92 -15.95 -24.46 -1.86
N ARG B 93 -17.15 -23.87 -1.99
CA ARG B 93 -18.10 -23.90 -0.90
C ARG B 93 -18.60 -25.30 -0.63
N ARG B 94 -18.85 -26.08 -1.67
CA ARG B 94 -19.25 -27.46 -1.47
C ARG B 94 -18.13 -28.30 -0.90
N GLU B 95 -16.91 -28.08 -1.36
CA GLU B 95 -15.77 -28.81 -0.79
C GLU B 95 -15.46 -28.39 0.63
N GLN B 96 -15.72 -27.14 0.96
CA GLN B 96 -15.48 -26.65 2.29
C GLN B 96 -16.48 -27.22 3.27
N LEU B 97 -17.74 -27.33 2.84
CA LEU B 97 -18.74 -27.98 3.66
C LEU B 97 -18.49 -29.47 3.79
N ALA B 98 -17.90 -30.10 2.78
CA ALA B 98 -17.61 -31.52 2.94
C ALA B 98 -16.47 -31.75 3.89
N LEU B 99 -15.40 -31.00 3.77
CA LEU B 99 -14.24 -31.21 4.63
C LEU B 99 -14.38 -30.57 5.99
N ALA B 100 -15.46 -29.85 6.28
CA ALA B 100 -15.61 -29.22 7.57
C ALA B 100 -15.87 -30.19 8.70
N GLU B 101 -16.19 -31.44 8.38
CA GLU B 101 -16.41 -32.48 9.36
C GLU B 101 -15.21 -33.41 9.50
N ALA B 102 -14.05 -33.01 9.00
CA ALA B 102 -12.87 -33.86 9.04
C ALA B 102 -12.13 -33.72 10.35
N ARG B 103 -11.56 -34.83 10.79
CA ARG B 103 -10.79 -34.88 12.02
C ARG B 103 -9.36 -35.34 11.82
N SER B 104 -8.96 -35.67 10.61
CA SER B 104 -7.57 -36.00 10.35
C SER B 104 -7.30 -35.68 8.90
N LEU B 105 -6.05 -35.84 8.49
CA LEU B 105 -5.78 -35.60 7.08
C LEU B 105 -6.19 -36.80 6.25
N ASP B 106 -6.23 -37.98 6.84
CA ASP B 106 -6.68 -39.14 6.11
C ASP B 106 -8.18 -39.13 5.87
N GLU B 107 -8.99 -38.68 6.84
CA GLU B 107 -10.41 -38.50 6.54
C GLU B 107 -10.65 -37.41 5.51
N ALA B 108 -9.86 -36.36 5.52
CA ALA B 108 -10.01 -35.34 4.51
C ALA B 108 -9.59 -35.83 3.15
N SER B 109 -8.57 -36.68 3.08
CA SER B 109 -8.19 -37.24 1.78
C SER B 109 -9.23 -38.24 1.30
N GLU B 110 -9.83 -38.99 2.20
CA GLU B 110 -10.90 -39.90 1.80
C GLU B 110 -12.15 -39.18 1.36
N LEU B 111 -12.44 -38.03 1.95
CA LEU B 111 -13.58 -37.26 1.50
C LEU B 111 -13.26 -36.48 0.25
N ALA B 112 -11.99 -36.25 -0.01
CA ALA B 112 -11.59 -35.50 -1.18
C ALA B 112 -11.26 -36.37 -2.36
N GLN B 113 -11.32 -37.68 -2.20
CA GLN B 113 -11.11 -38.58 -3.32
C GLN B 113 -12.13 -38.38 -4.41
N ASN B 114 -13.37 -38.04 -4.05
CA ASN B 114 -14.46 -37.85 -5.00
C ASN B 114 -14.77 -36.39 -5.24
N PHE B 115 -13.76 -35.53 -5.23
CA PHE B 115 -13.98 -34.13 -5.53
C PHE B 115 -13.81 -33.93 -7.01
N SER B 116 -13.91 -32.69 -7.46
CA SER B 116 -13.71 -32.36 -8.86
C SER B 116 -12.24 -32.56 -9.24
N PRO B 117 -11.95 -32.88 -10.49
CA PRO B 117 -10.55 -33.05 -10.88
C PRO B 117 -9.73 -31.78 -10.81
N GLU B 118 -10.30 -30.71 -11.33
CA GLU B 118 -9.67 -29.40 -11.34
C GLU B 118 -10.06 -28.55 -10.14
N SER B 119 -9.94 -29.13 -8.96
CA SER B 119 -10.36 -28.45 -7.74
C SER B 119 -9.17 -27.81 -7.09
N VAL B 120 -9.38 -27.30 -5.88
CA VAL B 120 -8.34 -26.70 -5.08
C VAL B 120 -8.04 -27.52 -3.86
N SER B 121 -9.09 -28.02 -3.22
CA SER B 121 -8.92 -28.72 -1.96
C SER B 121 -8.19 -30.03 -2.16
N ALA B 122 -8.41 -30.70 -3.28
CA ALA B 122 -7.65 -31.91 -3.57
C ALA B 122 -6.19 -31.60 -3.87
N VAL B 123 -5.91 -30.45 -4.49
CA VAL B 123 -4.53 -30.05 -4.75
C VAL B 123 -3.79 -29.74 -3.45
N LEU B 124 -4.42 -29.00 -2.57
CA LEU B 124 -3.81 -28.67 -1.30
C LEU B 124 -3.66 -29.88 -0.42
N LEU B 125 -4.63 -30.79 -0.47
CA LEU B 125 -4.50 -32.01 0.31
C LEU B 125 -3.42 -32.93 -0.24
N ASN B 126 -3.25 -32.96 -1.55
CA ASN B 126 -2.14 -33.72 -2.07
C ASN B 126 -0.79 -33.10 -1.74
N ASP B 127 -0.68 -31.77 -1.66
CA ASP B 127 0.57 -31.16 -1.21
C ASP B 127 0.89 -31.58 0.21
N ALA B 128 -0.08 -31.47 1.11
CA ALA B 128 0.16 -31.88 2.48
C ALA B 128 0.55 -33.34 2.58
N GLN B 129 -0.19 -34.22 1.89
CA GLN B 129 0.13 -35.64 1.97
C GLN B 129 1.43 -35.98 1.25
N ASN B 130 1.71 -35.29 0.15
CA ASN B 130 2.94 -35.46 -0.59
C ASN B 130 4.15 -35.11 0.26
N GLU B 131 4.06 -34.00 0.98
CA GLU B 131 5.12 -33.63 1.91
C GLU B 131 5.29 -34.65 2.99
N LEU B 132 4.18 -35.18 3.51
CA LEU B 132 4.27 -36.25 4.50
C LEU B 132 4.96 -37.50 3.98
N GLU B 133 4.89 -37.79 2.68
CA GLU B 133 5.65 -38.94 2.16
C GLU B 133 7.03 -38.62 1.61
N LEU B 134 7.28 -37.37 1.21
CA LEU B 134 8.63 -36.97 0.82
C LEU B 134 9.52 -36.87 2.04
N SER B 135 8.95 -36.40 3.14
CA SER B 135 9.63 -36.32 4.41
C SER B 135 9.33 -37.51 5.27
N ALA B 136 9.06 -38.65 4.69
CA ALA B 136 9.06 -39.85 5.51
C ALA B 136 10.50 -40.16 5.85
N GLU B 137 10.70 -40.84 6.98
CA GLU B 137 12.01 -41.17 7.57
C GLU B 137 12.82 -39.91 7.90
N SER B 138 12.10 -38.83 8.15
CA SER B 138 12.56 -37.58 8.74
C SER B 138 11.77 -37.32 10.00
N ASN B 139 12.42 -37.35 11.14
CA ASN B 139 11.76 -37.27 12.43
C ASN B 139 11.48 -35.88 12.90
N ASP B 140 11.85 -34.85 12.15
CA ASP B 140 11.65 -33.48 12.58
C ASP B 140 10.28 -33.03 12.15
N ASN B 141 9.31 -33.03 13.06
CA ASN B 141 7.95 -32.70 12.67
C ASN B 141 7.76 -31.21 12.51
N ASN B 142 8.57 -30.40 13.16
CA ASN B 142 8.45 -28.98 12.95
C ASN B 142 8.95 -28.65 11.58
N GLY B 143 9.91 -29.42 11.08
CA GLY B 143 10.33 -29.27 9.71
C GLY B 143 9.23 -29.49 8.72
N ILE B 144 8.51 -30.62 8.82
CA ILE B 144 7.40 -30.94 7.93
C ILE B 144 6.32 -29.88 7.98
N LYS B 145 6.04 -29.32 9.16
CA LYS B 145 5.04 -28.28 9.26
C LYS B 145 5.50 -26.99 8.59
N GLU B 146 6.76 -26.59 8.78
CA GLU B 146 7.24 -25.40 8.09
C GLU B 146 7.35 -25.60 6.59
N ARG B 147 7.74 -26.78 6.13
CA ARG B 147 7.83 -27.01 4.69
C ARG B 147 6.45 -27.12 4.04
N THR B 148 5.48 -27.72 4.71
CA THR B 148 4.12 -27.77 4.20
C THR B 148 3.49 -26.40 4.17
N GLY B 149 3.69 -25.61 5.21
CA GLY B 149 3.20 -24.25 5.18
C GLY B 149 3.84 -23.45 4.08
N PHE B 150 5.10 -23.76 3.77
CA PHE B 150 5.77 -23.09 2.68
C PHE B 150 5.21 -23.48 1.33
N ARG B 151 4.99 -24.77 1.09
CA ARG B 151 4.41 -25.22 -0.17
C ARG B 151 2.99 -24.76 -0.35
N LEU B 152 2.20 -24.73 0.72
CA LEU B 152 0.82 -24.31 0.62
C LEU B 152 0.70 -22.83 0.44
N GLU B 153 1.55 -22.02 1.05
CA GLU B 153 1.45 -20.60 0.74
C GLU B 153 1.95 -20.31 -0.65
N ARG B 154 2.89 -21.10 -1.16
CA ARG B 154 3.29 -20.96 -2.56
C ARG B 154 2.15 -21.36 -3.51
N ARG B 155 1.43 -22.43 -3.18
CA ARG B 155 0.33 -22.93 -4.00
C ARG B 155 -0.89 -22.02 -3.93
N VAL B 156 -1.20 -21.47 -2.77
CA VAL B 156 -2.28 -20.54 -2.60
C VAL B 156 -1.96 -19.25 -3.31
N ALA B 157 -0.71 -18.82 -3.26
CA ALA B 157 -0.30 -17.63 -3.98
C ALA B 157 -0.41 -17.84 -5.48
N ALA B 158 -0.06 -19.02 -5.98
CA ALA B 158 -0.19 -19.29 -7.39
C ALA B 158 -1.63 -19.34 -7.84
N TYR B 159 -2.49 -19.93 -7.01
CA TYR B 159 -3.90 -20.04 -7.35
C TYR B 159 -4.57 -18.69 -7.37
N SER B 160 -4.24 -17.87 -6.39
CA SER B 160 -4.82 -16.54 -6.28
C SER B 160 -4.28 -15.63 -7.35
N ARG B 161 -3.08 -15.89 -7.83
CA ARG B 161 -2.56 -15.13 -8.96
CA ARG B 161 -2.56 -15.13 -8.95
C ARG B 161 -3.24 -15.53 -10.26
N ASN B 162 -3.63 -16.78 -10.40
CA ASN B 162 -4.25 -17.20 -11.65
C ASN B 162 -5.70 -16.82 -11.67
N MET B 163 -6.22 -16.44 -10.53
CA MET B 163 -7.62 -16.03 -10.39
C MET B 163 -7.82 -14.66 -10.98
N GLY B 164 -6.97 -13.73 -10.62
CA GLY B 164 -7.02 -12.39 -11.15
C GLY B 164 -6.24 -12.22 -12.41
N ARG B 165 -6.68 -12.79 -13.51
CA ARG B 165 -6.03 -12.63 -14.80
C ARG B 165 -6.51 -11.40 -15.54
N GLY B 166 -7.80 -11.25 -15.67
CA GLY B 166 -8.35 -10.11 -16.35
C GLY B 166 -8.30 -8.84 -15.60
N ASN B 167 -7.79 -8.84 -14.37
CA ASN B 167 -7.74 -7.62 -13.57
C ASN B 167 -6.80 -6.59 -14.14
N GLY B 168 -5.70 -7.00 -14.76
CA GLY B 168 -4.82 -6.05 -15.38
C GLY B 168 -5.45 -5.36 -16.55
N PHE B 169 -6.22 -6.08 -17.34
CA PHE B 169 -6.95 -5.48 -18.43
C PHE B 169 -7.98 -4.50 -17.94
N LEU B 170 -8.71 -4.86 -16.89
CA LEU B 170 -9.76 -3.99 -16.40
C LEU B 170 -9.20 -2.73 -15.77
N ALA B 171 -8.09 -2.85 -15.04
CA ALA B 171 -7.46 -1.69 -14.42
C ALA B 171 -6.85 -0.77 -15.47
N THR B 172 -6.23 -1.32 -16.50
CA THR B 172 -5.67 -0.49 -17.56
C THR B 172 -6.77 0.18 -18.37
N ILE B 173 -7.86 -0.51 -18.66
CA ILE B 173 -8.92 0.10 -19.44
C ILE B 173 -9.60 1.20 -18.65
N GLY B 174 -9.93 0.94 -17.40
CA GLY B 174 -10.55 1.98 -16.62
C GLY B 174 -9.63 3.12 -16.25
N ALA B 175 -8.32 2.94 -16.34
CA ALA B 175 -7.41 4.05 -16.12
C ALA B 175 -7.15 4.86 -17.36
N ILE B 176 -6.89 4.22 -18.50
CA ILE B 176 -6.49 4.97 -19.67
C ILE B 176 -7.64 5.34 -20.57
N SER B 177 -8.82 4.81 -20.36
CA SER B 177 -9.89 5.13 -21.26
C SER B 177 -10.43 6.55 -21.23
N PRO B 178 -10.53 7.26 -20.10
CA PRO B 178 -10.84 8.66 -20.22
C PRO B 178 -9.73 9.45 -20.87
N PHE B 179 -8.48 9.00 -20.80
CA PHE B 179 -7.42 9.68 -21.54
C PHE B 179 -7.51 9.45 -23.03
N VAL B 180 -7.91 8.25 -23.46
CA VAL B 180 -8.05 8.00 -24.88
C VAL B 180 -9.25 8.76 -25.41
N GLY B 181 -10.32 8.85 -24.63
CA GLY B 181 -11.39 9.72 -25.05
C GLY B 181 -10.99 11.17 -25.05
N LEU B 182 -10.15 11.58 -24.12
CA LEU B 182 -9.69 12.96 -24.09
C LEU B 182 -8.76 13.27 -25.25
N PHE B 183 -7.95 12.31 -25.67
CA PHE B 183 -7.13 12.50 -26.86
C PHE B 183 -8.01 12.60 -28.09
N GLY B 184 -9.10 11.85 -28.13
CA GLY B 184 -10.02 11.97 -29.25
C GLY B 184 -10.66 13.32 -29.32
N THR B 185 -11.09 13.86 -28.19
CA THR B 185 -11.69 15.18 -28.26
C THR B 185 -10.69 16.30 -28.45
N VAL B 186 -9.45 16.14 -27.98
CA VAL B 186 -8.43 17.15 -28.22
C VAL B 186 -8.06 17.19 -29.71
N TRP B 187 -7.96 16.02 -30.34
CA TRP B 187 -7.75 16.00 -31.77
C TRP B 187 -8.97 16.50 -32.53
N GLY B 188 -10.17 16.28 -32.03
CA GLY B 188 -11.33 16.81 -32.72
C GLY B 188 -11.41 18.32 -32.68
N ILE B 189 -11.19 18.91 -31.52
CA ILE B 189 -11.18 20.37 -31.41
C ILE B 189 -9.96 20.98 -32.10
N MET B 190 -8.83 20.28 -32.14
CA MET B 190 -7.67 20.78 -32.84
C MET B 190 -7.91 20.80 -34.32
N ASN B 191 -8.53 19.77 -34.87
CA ASN B 191 -8.90 19.82 -36.27
C ASN B 191 -10.00 20.82 -36.52
N SER B 192 -10.85 21.09 -35.55
CA SER B 192 -11.83 22.14 -35.74
C SER B 192 -11.19 23.51 -35.81
N PHE B 193 -10.18 23.77 -34.99
CA PHE B 193 -9.47 25.04 -35.05
C PHE B 193 -8.62 25.17 -36.29
N ILE B 194 -8.08 24.06 -36.78
CA ILE B 194 -7.40 24.08 -38.06
C ILE B 194 -8.37 24.40 -39.17
N GLY B 195 -9.57 23.84 -39.10
CA GLY B 195 -10.58 24.16 -40.08
C GLY B 195 -11.09 25.58 -39.98
N ILE B 196 -11.03 26.18 -38.80
CA ILE B 196 -11.43 27.58 -38.65
C ILE B 196 -10.32 28.56 -38.95
N ALA B 197 -9.06 28.10 -38.96
CA ALA B 197 -7.92 28.91 -39.36
C ALA B 197 -7.64 28.85 -40.84
N HIS B 198 -7.94 27.73 -41.47
CA HIS B 198 -7.71 27.60 -42.90
C HIS B 198 -8.71 28.39 -43.70
N SER B 199 -9.96 28.35 -43.30
CA SER B 199 -11.01 29.08 -43.98
C SER B 199 -11.52 30.13 -43.03
N GLN B 200 -11.51 31.39 -43.47
CA GLN B 200 -11.94 32.45 -42.56
C GLN B 200 -13.45 32.39 -42.37
N THR B 201 -13.88 31.59 -41.41
CA THR B 201 -15.29 31.33 -41.13
C THR B 201 -15.53 31.57 -39.65
N THR B 202 -16.39 32.53 -39.34
CA THR B 202 -16.51 32.91 -37.94
C THR B 202 -17.64 32.20 -37.21
N ASN B 203 -18.75 31.88 -37.89
CA ASN B 203 -19.91 31.34 -37.20
C ASN B 203 -19.69 29.91 -36.74
N LEU B 204 -20.50 29.50 -35.76
CA LEU B 204 -20.34 28.25 -35.08
C LEU B 204 -21.26 27.18 -35.62
N ALA B 205 -22.24 27.51 -36.43
CA ALA B 205 -23.10 26.49 -37.00
C ALA B 205 -22.39 25.64 -38.05
N VAL B 206 -21.22 26.04 -38.51
CA VAL B 206 -20.41 25.25 -39.42
C VAL B 206 -19.44 24.34 -38.66
N VAL B 207 -18.80 24.87 -37.63
CA VAL B 207 -17.83 24.10 -36.87
C VAL B 207 -18.45 23.31 -35.76
N ALA B 208 -19.77 23.28 -35.65
CA ALA B 208 -20.42 22.52 -34.58
C ALA B 208 -20.43 21.01 -34.74
N PRO B 209 -20.60 20.39 -35.92
CA PRO B 209 -20.45 18.94 -35.97
C PRO B 209 -19.06 18.44 -35.66
N GLY B 210 -18.04 19.26 -35.88
CA GLY B 210 -16.70 18.88 -35.48
C GLY B 210 -16.58 18.78 -33.98
N ILE B 211 -17.11 19.78 -33.28
CA ILE B 211 -17.09 19.75 -31.82
C ILE B 211 -17.97 18.64 -31.28
N ALA B 212 -19.09 18.33 -31.95
CA ALA B 212 -19.93 17.24 -31.50
C ALA B 212 -19.25 15.89 -31.66
N GLU B 213 -18.55 15.66 -32.77
CA GLU B 213 -17.80 14.40 -32.94
C GLU B 213 -16.71 14.25 -31.89
N ALA B 214 -16.00 15.34 -31.61
CA ALA B 214 -15.02 15.34 -30.55
C ALA B 214 -15.61 14.98 -29.21
N LEU B 215 -16.73 15.60 -28.86
CA LEU B 215 -17.39 15.30 -27.59
C LEU B 215 -17.92 13.87 -27.55
N LEU B 216 -18.32 13.32 -28.70
CA LEU B 216 -18.72 11.93 -28.75
C LEU B 216 -17.56 11.04 -28.36
N ALA B 217 -16.36 11.38 -28.79
CA ALA B 217 -15.21 10.59 -28.43
C ALA B 217 -14.98 10.64 -26.94
N THR B 218 -15.12 11.80 -26.32
CA THR B 218 -14.94 11.80 -24.85
C THR B 218 -16.08 11.11 -24.09
N ALA B 219 -17.33 11.15 -24.57
CA ALA B 219 -18.41 10.39 -23.93
C ALA B 219 -18.17 8.90 -24.04
N MET B 220 -17.77 8.44 -25.22
CA MET B 220 -17.44 7.04 -25.40
C MET B 220 -16.25 6.64 -24.54
N GLY B 221 -15.33 7.56 -24.31
CA GLY B 221 -14.25 7.30 -23.38
C GLY B 221 -14.77 7.01 -21.99
N LEU B 222 -15.71 7.82 -21.52
CA LEU B 222 -16.32 7.57 -20.20
C LEU B 222 -17.16 6.30 -20.16
N VAL B 223 -17.85 5.95 -21.24
CA VAL B 223 -18.63 4.71 -21.27
C VAL B 223 -17.70 3.51 -21.25
N ALA B 224 -16.55 3.58 -21.90
CA ALA B 224 -15.62 2.47 -21.76
C ALA B 224 -14.88 2.46 -20.43
N ALA B 225 -14.86 3.58 -19.72
CA ALA B 225 -14.13 3.72 -18.48
C ALA B 225 -14.91 3.27 -17.27
N ILE B 226 -16.20 3.58 -17.20
CA ILE B 226 -17.00 3.39 -15.99
C ILE B 226 -17.32 1.91 -15.73
N PRO B 227 -17.73 1.08 -16.67
CA PRO B 227 -17.76 -0.35 -16.37
C PRO B 227 -16.43 -0.97 -16.11
N ALA B 228 -15.33 -0.41 -16.59
CA ALA B 228 -14.01 -0.95 -16.26
C ALA B 228 -13.76 -0.85 -14.77
N VAL B 229 -13.97 0.34 -14.18
CA VAL B 229 -13.81 0.52 -12.74
C VAL B 229 -14.85 -0.24 -11.94
N VAL B 230 -16.12 -0.21 -12.33
CA VAL B 230 -17.16 -0.92 -11.58
C VAL B 230 -16.90 -2.41 -11.57
N ILE B 231 -16.63 -3.02 -12.73
CA ILE B 231 -16.37 -4.45 -12.83
C ILE B 231 -15.08 -4.79 -12.13
N TYR B 232 -14.06 -3.93 -12.21
CA TYR B 232 -12.83 -4.16 -11.46
C TYR B 232 -13.11 -4.24 -9.98
N ASN B 233 -13.95 -3.34 -9.48
CA ASN B 233 -14.26 -3.33 -8.05
C ASN B 233 -15.01 -4.59 -7.64
N ILE B 234 -16.10 -4.92 -8.33
CA ILE B 234 -16.81 -6.20 -8.14
C ILE B 234 -15.85 -7.37 -8.11
N PHE B 235 -14.97 -7.45 -9.09
CA PHE B 235 -14.05 -8.57 -9.20
C PHE B 235 -13.12 -8.61 -8.03
N ALA B 236 -12.55 -7.47 -7.67
CA ALA B 236 -11.69 -7.36 -6.49
C ALA B 236 -12.37 -7.89 -5.23
N ARG B 237 -13.60 -7.46 -4.97
CA ARG B 237 -14.38 -8.00 -3.84
C ARG B 237 -14.51 -9.51 -3.92
N VAL B 238 -15.03 -10.02 -5.03
CA VAL B 238 -15.25 -11.45 -5.22
C VAL B 238 -13.95 -12.24 -5.08
N ILE B 239 -12.86 -11.69 -5.58
CA ILE B 239 -11.59 -12.40 -5.61
C ILE B 239 -11.02 -12.42 -4.22
N SER B 240 -11.23 -11.36 -3.44
CA SER B 240 -10.82 -11.37 -2.04
C SER B 240 -11.64 -12.35 -1.23
N GLY B 241 -12.94 -12.39 -1.47
CA GLY B 241 -13.78 -13.44 -0.90
C GLY B 241 -13.27 -14.83 -1.20
N HIS B 242 -12.81 -15.03 -2.42
CA HIS B 242 -12.41 -16.35 -2.85
C HIS B 242 -11.03 -16.67 -2.35
N ARG B 243 -10.21 -15.69 -2.12
CA ARG B 243 -8.86 -15.95 -1.69
C ARG B 243 -8.84 -16.08 -0.20
N ALA B 244 -9.87 -15.59 0.45
CA ALA B 244 -10.13 -15.94 1.83
C ALA B 244 -10.64 -17.35 1.96
N GLN B 245 -11.46 -17.82 1.02
CA GLN B 245 -11.86 -19.23 1.07
C GLN B 245 -10.69 -20.17 0.84
N VAL B 246 -9.83 -19.86 -0.13
CA VAL B 246 -8.67 -20.70 -0.39
C VAL B 246 -7.71 -20.64 0.78
N GLY B 247 -7.57 -19.50 1.41
CA GLY B 247 -6.78 -19.41 2.61
C GLY B 247 -7.37 -20.18 3.76
N ASP B 248 -8.69 -20.25 3.84
CA ASP B 248 -9.35 -21.05 4.86
C ASP B 248 -9.13 -22.53 4.65
N VAL B 249 -9.23 -23.01 3.41
CA VAL B 249 -8.98 -24.43 3.14
C VAL B 249 -7.52 -24.78 3.40
N ALA B 250 -6.60 -23.89 3.04
CA ALA B 250 -5.20 -24.12 3.34
C ALA B 250 -4.94 -24.11 4.82
N ALA B 251 -5.60 -23.21 5.55
CA ALA B 251 -5.53 -23.19 6.99
C ALA B 251 -6.00 -24.49 7.58
N GLN B 252 -7.15 -24.98 7.15
CA GLN B 252 -7.66 -26.27 7.57
C GLN B 252 -6.67 -27.40 7.33
N VAL B 253 -6.03 -27.44 6.16
CA VAL B 253 -5.06 -28.49 5.84
C VAL B 253 -3.82 -28.38 6.73
N LEU B 254 -3.43 -27.18 7.11
CA LEU B 254 -2.29 -27.04 7.98
C LEU B 254 -2.64 -27.33 9.40
N LEU B 255 -3.90 -27.21 9.76
CA LEU B 255 -4.26 -27.52 11.11
C LEU B 255 -4.57 -28.97 11.27
N LEU B 256 -4.92 -29.66 10.20
CA LEU B 256 -5.17 -31.08 10.31
C LEU B 256 -3.88 -31.85 10.22
N GLN B 257 -2.92 -31.30 9.50
CA GLN B 257 -1.62 -31.94 9.44
C GLN B 257 -0.83 -31.68 10.69
N GLY B 258 -0.93 -30.48 11.26
CA GLY B 258 -0.24 -30.21 12.49
C GLY B 258 -0.81 -31.00 13.64
N ARG B 259 -2.12 -31.06 13.76
CA ARG B 259 -2.73 -31.85 14.81
C ARG B 259 -2.41 -33.32 14.69
N ASP B 260 -2.43 -33.89 13.49
CA ASP B 260 -2.05 -35.29 13.33
C ASP B 260 -0.61 -35.55 13.71
N LEU B 261 0.33 -34.76 13.20
CA LEU B 261 1.73 -34.91 13.56
C LEU B 261 1.93 -34.81 15.07
N ASP B 262 1.26 -33.85 15.71
CA ASP B 262 1.36 -33.66 17.14
C ASP B 262 0.84 -34.86 17.92
N LEU B 263 -0.36 -35.33 17.57
CA LEU B 263 -0.94 -36.49 18.23
C LEU B 263 -0.14 -37.76 18.00
N ALA B 264 0.39 -37.94 16.79
CA ALA B 264 1.23 -39.10 16.52
C ALA B 264 2.49 -39.06 17.36
N ALA B 265 3.21 -37.93 17.34
CA ALA B 265 4.40 -37.74 18.17
C ALA B 265 4.13 -37.99 19.63
N THR B 266 2.93 -37.68 20.10
CA THR B 266 2.61 -37.92 21.50
C THR B 266 2.44 -39.39 21.77
N ALA B 267 1.67 -40.09 20.94
CA ALA B 267 1.50 -41.54 21.13
C ALA B 267 2.83 -42.27 21.05
N GLU B 268 3.65 -41.95 20.05
CA GLU B 268 4.98 -42.53 19.91
C GLU B 268 5.83 -42.31 21.14
N ALA B 269 5.81 -41.08 21.68
CA ALA B 269 6.54 -40.79 22.90
C ALA B 269 6.06 -41.64 24.06
N LYS B 270 4.72 -41.75 24.22
CA LYS B 270 4.17 -42.57 25.30
C LYS B 270 4.56 -44.03 25.18
N ARG B 271 4.67 -44.55 23.96
CA ARG B 271 5.14 -45.92 23.87
C ARG B 271 6.64 -46.04 24.09
N SER B 272 7.42 -45.05 23.63
CA SER B 272 8.87 -45.12 23.76
C SER B 272 9.38 -44.88 25.16
N GLN B 273 8.55 -44.34 26.06
CA GLN B 273 9.01 -44.11 27.45
C GLN B 273 9.26 -45.43 28.16
N HIS B 274 8.44 -46.44 27.86
CA HIS B 274 8.61 -47.75 28.46
C HIS B 274 9.89 -48.41 27.93
N ALA B 275 10.21 -48.22 26.65
CA ALA B 275 11.47 -48.72 26.12
C ALA B 275 12.66 -47.98 26.72
N HIS B 276 12.49 -46.68 26.98
CA HIS B 276 13.55 -45.86 27.57
C HIS B 276 13.88 -46.38 28.97
N GLN B 277 12.84 -46.64 29.77
CA GLN B 277 13.04 -47.17 31.12
C GLN B 277 13.36 -48.67 31.14
N LEU B 278 13.27 -49.37 30.00
CA LEU B 278 13.88 -50.71 29.89
C LEU B 278 15.30 -50.68 29.36
N ARG B 279 15.72 -49.57 28.77
CA ARG B 279 17.07 -49.44 28.24
C ARG B 279 18.02 -48.79 29.23
N ALA B 280 17.58 -47.75 29.93
CA ALA B 280 18.41 -47.01 30.86
C ALA B 280 18.54 -47.67 32.23
N GLY B 281 17.81 -48.74 32.49
CA GLY B 281 17.91 -49.44 33.76
C GLY B 281 19.08 -50.39 33.84
N ASP C 46 -0.22 24.45 -44.34
CA ASP C 46 1.03 24.71 -43.65
C ASP C 46 0.81 24.34 -42.20
N LEU C 47 -0.35 23.74 -41.92
CA LEU C 47 -0.71 23.38 -40.56
C LEU C 47 -0.83 21.87 -40.42
N SER C 48 0.10 21.12 -41.00
CA SER C 48 0.16 19.71 -40.74
C SER C 48 0.87 19.49 -39.42
N ILE C 49 1.00 18.22 -39.00
CA ILE C 49 1.63 17.91 -37.71
C ILE C 49 3.08 18.35 -37.71
N TRP C 50 3.76 18.26 -38.85
CA TRP C 50 5.09 18.83 -38.89
C TRP C 50 5.00 20.33 -39.12
N GLY C 51 4.03 20.77 -39.92
CA GLY C 51 3.82 22.18 -40.13
C GLY C 51 3.60 22.98 -38.86
N MET C 52 2.80 22.44 -37.94
CA MET C 52 2.53 23.12 -36.68
C MET C 52 3.74 23.17 -35.78
N TYR C 53 4.54 22.10 -35.75
CA TYR C 53 5.71 22.10 -34.88
C TYR C 53 6.72 23.18 -35.24
N GLN C 54 7.02 23.37 -36.52
CA GLN C 54 8.06 24.32 -36.92
C GLN C 54 7.59 25.76 -36.90
N HIS C 55 6.29 25.97 -36.81
CA HIS C 55 5.64 27.25 -36.70
C HIS C 55 5.34 27.58 -35.25
N ALA C 56 5.87 26.82 -34.31
CA ALA C 56 5.61 27.00 -32.89
C ALA C 56 6.65 27.89 -32.21
N ASP C 57 6.43 28.15 -30.93
CA ASP C 57 7.29 28.98 -30.10
C ASP C 57 8.52 28.21 -29.68
N ALA C 58 9.38 28.86 -28.92
CA ALA C 58 10.55 28.15 -28.45
C ALA C 58 10.18 27.21 -27.33
N VAL C 59 9.34 27.65 -26.40
CA VAL C 59 8.94 26.80 -25.30
C VAL C 59 8.02 25.71 -25.75
N VAL C 60 7.14 25.98 -26.72
CA VAL C 60 6.25 24.93 -27.20
C VAL C 60 7.02 23.86 -27.98
N LYS C 61 8.01 24.26 -28.77
CA LYS C 61 8.86 23.27 -29.44
C LYS C 61 9.70 22.49 -28.46
N ALA C 62 10.13 23.11 -27.38
CA ALA C 62 10.87 22.36 -26.38
C ALA C 62 9.99 21.33 -25.70
N VAL C 63 8.75 21.70 -25.43
CA VAL C 63 7.80 20.75 -24.86
C VAL C 63 7.54 19.61 -25.82
N MET C 64 7.40 19.89 -27.11
CA MET C 64 7.11 18.86 -28.08
C MET C 64 8.28 17.90 -28.29
N ILE C 65 9.52 18.41 -28.35
CA ILE C 65 10.62 17.44 -28.51
C ILE C 65 10.88 16.74 -27.20
N GLY C 66 10.53 17.31 -26.06
CA GLY C 66 10.62 16.55 -24.84
C GLY C 66 9.62 15.41 -24.80
N LEU C 67 8.43 15.65 -25.32
CA LEU C 67 7.44 14.56 -25.37
C LEU C 67 7.78 13.52 -26.42
N VAL C 68 8.39 13.90 -27.54
CA VAL C 68 8.85 12.91 -28.50
C VAL C 68 9.99 12.08 -27.94
N LEU C 69 10.91 12.69 -27.20
CA LEU C 69 11.95 11.90 -26.56
C LEU C 69 11.41 11.01 -25.46
N ALA C 70 10.34 11.41 -24.78
CA ALA C 70 9.70 10.52 -23.83
C ALA C 70 9.04 9.35 -24.53
N SER C 71 8.48 9.56 -25.71
CA SER C 71 7.91 8.46 -26.46
C SER C 71 8.98 7.51 -27.00
N ILE C 72 10.12 8.03 -27.44
CA ILE C 72 11.23 7.19 -27.89
C ILE C 72 11.76 6.35 -26.75
N VAL C 73 11.90 6.94 -25.57
CA VAL C 73 12.33 6.17 -24.41
C VAL C 73 11.29 5.14 -24.01
N THR C 74 10.00 5.45 -24.16
CA THR C 74 8.94 4.50 -23.81
C THR C 74 8.99 3.25 -24.67
N TRP C 75 9.04 3.43 -25.97
CA TRP C 75 9.08 2.30 -26.89
C TRP C 75 10.43 1.60 -26.86
N THR C 76 11.51 2.29 -26.50
CA THR C 76 12.79 1.63 -26.38
C THR C 76 12.86 0.79 -25.10
N ILE C 77 12.29 1.27 -24.00
CA ILE C 77 12.20 0.46 -22.78
C ILE C 77 11.38 -0.78 -23.06
N LEU C 78 10.30 -0.66 -23.85
CA LEU C 78 9.50 -1.83 -24.22
C LEU C 78 10.29 -2.81 -25.05
N PHE C 79 10.78 -2.40 -26.21
CA PHE C 79 11.46 -3.34 -27.07
C PHE C 79 12.84 -3.72 -26.63
N ALA C 80 13.39 -3.17 -25.56
CA ALA C 80 14.69 -3.59 -25.12
C ALA C 80 14.72 -4.11 -23.72
N LYS C 81 13.64 -4.06 -22.98
CA LYS C 81 13.57 -4.76 -21.73
C LYS C 81 12.45 -5.75 -21.69
N GLY C 82 11.41 -5.58 -22.50
CA GLY C 82 10.45 -6.63 -22.64
C GLY C 82 11.05 -7.82 -23.33
N SER C 83 12.00 -7.60 -24.22
CA SER C 83 12.75 -8.68 -24.81
C SER C 83 13.59 -9.41 -23.78
N GLU C 84 14.28 -8.70 -22.90
CA GLU C 84 15.06 -9.32 -21.85
C GLU C 84 14.18 -10.01 -20.82
N LEU C 85 13.00 -9.46 -20.54
CA LEU C 85 12.09 -10.09 -19.60
C LEU C 85 11.52 -11.37 -20.16
N LEU C 86 11.13 -11.36 -21.42
CA LEU C 86 10.61 -12.57 -22.03
C LEU C 86 11.69 -13.61 -22.23
N ARG C 87 12.91 -13.19 -22.50
CA ARG C 87 14.00 -14.15 -22.57
C ARG C 87 14.28 -14.78 -21.22
N ALA C 88 14.27 -13.98 -20.16
CA ALA C 88 14.48 -14.52 -18.83
C ALA C 88 13.32 -15.38 -18.37
N LYS C 89 12.10 -15.07 -18.78
CA LYS C 89 10.97 -15.91 -18.44
C LYS C 89 11.08 -17.26 -19.11
N ARG C 90 11.41 -17.28 -20.40
CA ARG C 90 11.57 -18.54 -21.10
C ARG C 90 12.80 -19.29 -20.68
N ARG C 91 13.77 -18.65 -20.07
CA ARG C 91 14.92 -19.37 -19.58
C ARG C 91 14.67 -19.97 -18.21
N LEU C 92 14.00 -19.25 -17.34
CA LEU C 92 13.69 -19.80 -16.03
C LEU C 92 12.65 -20.89 -16.12
N ARG C 93 11.81 -20.84 -17.15
CA ARG C 93 10.86 -21.92 -17.37
C ARG C 93 11.56 -23.21 -17.74
N ARG C 94 12.59 -23.15 -18.57
CA ARG C 94 13.35 -24.34 -18.90
C ARG C 94 14.12 -24.86 -17.69
N GLU C 95 14.69 -23.98 -16.90
CA GLU C 95 15.38 -24.42 -15.70
C GLU C 95 14.42 -24.95 -14.64
N GLN C 96 13.22 -24.43 -14.60
CA GLN C 96 12.24 -24.89 -13.64
C GLN C 96 11.74 -26.27 -14.00
N LEU C 97 11.56 -26.52 -15.29
CA LEU C 97 11.20 -27.86 -15.73
C LEU C 97 12.34 -28.83 -15.55
N ALA C 98 13.58 -28.39 -15.64
CA ALA C 98 14.67 -29.32 -15.41
C ALA C 98 14.79 -29.68 -13.94
N LEU C 99 14.74 -28.70 -13.07
CA LEU C 99 14.91 -28.98 -11.65
C LEU C 99 13.65 -29.50 -10.98
N ALA C 100 12.52 -29.59 -11.70
CA ALA C 100 11.30 -30.06 -11.07
C ALA C 100 11.32 -31.53 -10.76
N GLU C 101 12.26 -32.27 -11.29
CA GLU C 101 12.43 -33.69 -11.02
C GLU C 101 13.53 -33.97 -10.02
N ALA C 102 13.98 -32.97 -9.28
CA ALA C 102 15.07 -33.13 -8.34
C ALA C 102 14.58 -33.63 -7.00
N ARG C 103 15.39 -34.44 -6.37
CA ARG C 103 15.09 -35.00 -5.06
C ARG C 103 16.11 -34.65 -4.00
N SER C 104 17.17 -33.94 -4.34
CA SER C 104 18.11 -33.48 -3.34
C SER C 104 18.75 -32.23 -3.87
N LEU C 105 19.61 -31.61 -3.07
CA LEU C 105 20.28 -30.43 -3.58
C LEU C 105 21.45 -30.84 -4.46
N ASP C 106 21.99 -32.03 -4.25
CA ASP C 106 23.07 -32.49 -5.12
C ASP C 106 22.57 -32.87 -6.51
N GLU C 107 21.39 -33.49 -6.64
CA GLU C 107 20.84 -33.70 -7.97
C GLU C 107 20.48 -32.38 -8.64
N ALA C 108 20.03 -31.41 -7.89
CA ALA C 108 19.73 -30.12 -8.50
C ALA C 108 20.99 -29.41 -8.92
N SER C 109 22.08 -29.57 -8.17
CA SER C 109 23.33 -28.97 -8.60
C SER C 109 23.91 -29.69 -9.81
N GLU C 110 23.74 -31.01 -9.88
CA GLU C 110 24.19 -31.73 -11.05
C GLU C 110 23.37 -31.41 -12.29
N LEU C 111 22.09 -31.13 -12.13
CA LEU C 111 21.29 -30.73 -13.25
C LEU C 111 21.52 -29.29 -13.61
N ALA C 112 22.01 -28.50 -12.68
CA ALA C 112 22.24 -27.10 -12.92
C ALA C 112 23.65 -26.80 -13.35
N GLN C 113 24.51 -27.80 -13.42
CA GLN C 113 25.85 -27.60 -13.91
C GLN C 113 25.86 -27.12 -15.34
N ASN C 114 24.92 -27.59 -16.16
CA ASN C 114 24.83 -27.24 -17.57
C ASN C 114 23.75 -26.21 -17.86
N PHE C 115 23.51 -25.28 -16.95
CA PHE C 115 22.55 -24.24 -17.18
C PHE C 115 23.26 -23.08 -17.83
N SER C 116 22.54 -21.99 -18.06
CA SER C 116 23.11 -20.79 -18.63
C SER C 116 24.07 -20.16 -17.63
N PRO C 117 25.09 -19.45 -18.09
CA PRO C 117 26.00 -18.80 -17.15
C PRO C 117 25.37 -17.70 -16.34
N GLU C 118 24.61 -16.86 -17.03
CA GLU C 118 23.90 -15.75 -16.42
C GLU C 118 22.46 -16.10 -16.04
N SER C 119 22.32 -17.19 -15.31
CA SER C 119 21.01 -17.69 -14.96
C SER C 119 20.66 -17.24 -13.55
N VAL C 120 19.55 -17.78 -13.05
CA VAL C 120 19.09 -17.51 -11.69
C VAL C 120 19.18 -18.76 -10.85
N SER C 121 18.78 -19.88 -11.40
CA SER C 121 18.69 -21.10 -10.64
C SER C 121 20.06 -21.58 -10.22
N ALA C 122 21.08 -21.37 -11.06
CA ALA C 122 22.43 -21.72 -10.65
C ALA C 122 22.95 -20.79 -9.58
N VAL C 123 22.54 -19.52 -9.58
CA VAL C 123 22.93 -18.58 -8.53
C VAL C 123 22.32 -18.95 -7.19
N LEU C 124 21.04 -19.27 -7.19
CA LEU C 124 20.37 -19.64 -5.96
C LEU C 124 20.88 -20.97 -5.46
N LEU C 125 21.18 -21.89 -6.37
CA LEU C 125 21.73 -23.17 -5.93
C LEU C 125 23.15 -23.04 -5.41
N ASN C 126 23.93 -22.13 -5.97
CA ASN C 126 25.23 -21.90 -5.38
C ASN C 126 25.15 -21.21 -4.03
N ASP C 127 24.16 -20.34 -3.79
CA ASP C 127 23.99 -19.79 -2.44
C ASP C 127 23.67 -20.87 -1.45
N ALA C 128 22.72 -21.73 -1.76
CA ALA C 128 22.39 -22.81 -0.85
C ALA C 128 23.57 -23.70 -0.58
N GLN C 129 24.29 -24.11 -1.62
CA GLN C 129 25.45 -24.98 -1.43
C GLN C 129 26.61 -24.27 -0.75
N ASN C 130 26.79 -23.00 -1.06
CA ASN C 130 27.82 -22.18 -0.44
C ASN C 130 27.60 -22.06 1.04
N GLU C 131 26.37 -21.82 1.46
CA GLU C 131 26.04 -21.78 2.86
C GLU C 131 26.29 -23.12 3.52
N LEU C 132 25.95 -24.20 2.84
CA LEU C 132 26.25 -25.52 3.38
C LEU C 132 27.74 -25.77 3.58
N GLU C 133 28.62 -25.15 2.79
CA GLU C 133 30.05 -25.32 3.06
C GLU C 133 30.67 -24.24 3.92
N LEU C 134 30.07 -23.05 4.01
CA LEU C 134 30.53 -22.05 4.96
C LEU C 134 30.17 -22.44 6.37
N SER C 135 29.00 -23.03 6.54
CA SER C 135 28.56 -23.56 7.80
C SER C 135 28.86 -25.03 7.93
N ALA C 136 29.90 -25.51 7.30
CA ALA C 136 30.35 -26.84 7.67
C ALA C 136 30.98 -26.75 9.04
N GLU C 137 30.95 -27.86 9.77
CA GLU C 137 31.42 -28.00 11.16
C GLU C 137 30.65 -27.08 12.11
N SER C 138 29.43 -26.77 11.73
CA SER C 138 28.38 -26.15 12.53
C SER C 138 27.19 -27.08 12.56
N ASN C 139 26.87 -27.62 13.72
CA ASN C 139 25.85 -28.64 13.85
C ASN C 139 24.45 -28.11 13.98
N ASP C 140 24.26 -26.80 13.98
CA ASP C 140 22.93 -26.23 14.15
C ASP C 140 22.28 -26.14 12.80
N ASN C 141 21.40 -27.08 12.47
CA ASN C 141 20.80 -27.10 11.15
C ASN C 141 19.72 -26.08 11.01
N ASN C 142 19.09 -25.68 12.11
CA ASN C 142 18.09 -24.63 11.99
C ASN C 142 18.79 -23.35 11.68
N GLY C 143 20.02 -23.18 12.16
CA GLY C 143 20.81 -22.04 11.79
C GLY C 143 21.05 -21.95 10.30
N ILE C 144 21.53 -23.04 9.68
CA ILE C 144 21.78 -23.07 8.23
C ILE C 144 20.53 -22.78 7.45
N LYS C 145 19.38 -23.29 7.89
CA LYS C 145 18.13 -23.00 7.19
C LYS C 145 17.74 -21.55 7.29
N GLU C 146 17.85 -20.95 8.48
CA GLU C 146 17.55 -19.53 8.59
C GLU C 146 18.54 -18.65 7.85
N ARG C 147 19.82 -19.01 7.84
CA ARG C 147 20.79 -18.20 7.11
C ARG C 147 20.64 -18.35 5.60
N THR C 148 20.33 -19.54 5.11
CA THR C 148 20.07 -19.73 3.68
C THR C 148 18.81 -19.04 3.25
N GLY C 149 17.75 -19.11 4.05
CA GLY C 149 16.56 -18.36 3.73
C GLY C 149 16.81 -16.88 3.72
N PHE C 150 17.72 -16.42 4.57
CA PHE C 150 18.08 -15.03 4.60
C PHE C 150 18.86 -14.60 3.36
N ARG C 151 19.85 -15.40 2.95
CA ARG C 151 20.60 -15.09 1.75
C ARG C 151 19.76 -15.18 0.50
N LEU C 152 18.86 -16.15 0.43
CA LEU C 152 18.03 -16.30 -0.75
C LEU C 152 16.98 -15.24 -0.84
N GLU C 153 16.41 -14.78 0.27
CA GLU C 153 15.48 -13.67 0.12
C GLU C 153 16.22 -12.38 -0.19
N ARG C 154 17.47 -12.24 0.25
CA ARG C 154 18.27 -11.10 -0.17
C ARG C 154 18.59 -11.15 -1.65
N ARG C 155 18.92 -12.34 -2.15
CA ARG C 155 19.27 -12.54 -3.56
C ARG C 155 18.07 -12.42 -4.48
N VAL C 156 16.92 -12.93 -4.06
CA VAL C 156 15.69 -12.82 -4.81
C VAL C 156 15.24 -11.38 -4.84
N ALA C 157 15.42 -10.67 -3.73
CA ALA C 157 15.10 -9.25 -3.70
C ALA C 157 15.99 -8.46 -4.63
N ALA C 158 17.27 -8.82 -4.70
CA ALA C 158 18.17 -8.11 -5.61
C ALA C 158 17.85 -8.39 -7.05
N TYR C 159 17.49 -9.63 -7.37
CA TYR C 159 17.18 -10.00 -8.73
C TYR C 159 15.89 -9.32 -9.19
N SER C 160 14.91 -9.29 -8.32
CA SER C 160 13.63 -8.69 -8.65
C SER C 160 13.74 -7.19 -8.71
N ARG C 161 14.68 -6.62 -8.00
CA ARG C 161 14.93 -5.19 -8.12
CA ARG C 161 14.93 -5.20 -8.11
C ARG C 161 15.63 -4.86 -9.43
N ASN C 162 16.47 -5.75 -9.92
CA ASN C 162 17.19 -5.44 -11.16
C ASN C 162 16.32 -5.70 -12.35
N MET C 163 15.21 -6.38 -12.14
CA MET C 163 14.26 -6.70 -13.19
C MET C 163 13.49 -5.46 -13.57
N GLY C 164 12.96 -4.77 -12.59
CA GLY C 164 12.25 -3.54 -12.82
C GLY C 164 13.11 -2.32 -12.83
N ARG C 165 13.94 -2.16 -13.84
CA ARG C 165 14.78 -0.96 -13.98
C ARG C 165 14.05 0.16 -14.68
N GLY C 166 13.49 -0.12 -15.83
CA GLY C 166 12.79 0.88 -16.57
C GLY C 166 11.45 1.25 -16.02
N ASN C 167 11.01 0.64 -14.94
CA ASN C 167 9.70 0.93 -14.38
C ASN C 167 9.61 2.34 -13.83
N GLY C 168 10.68 2.87 -13.28
CA GLY C 168 10.66 4.23 -12.81
C GLY C 168 10.51 5.22 -13.93
N PHE C 169 11.16 4.96 -15.05
CA PHE C 169 10.99 5.80 -16.22
C PHE C 169 9.58 5.75 -16.76
N LEU C 170 9.00 4.56 -16.81
CA LEU C 170 7.67 4.44 -17.37
C LEU C 170 6.63 5.08 -16.46
N ALA C 171 6.77 4.92 -15.15
CA ALA C 171 5.84 5.54 -14.21
C ALA C 171 5.97 7.05 -14.20
N THR C 172 7.19 7.58 -14.27
CA THR C 172 7.35 9.02 -14.32
C THR C 172 6.84 9.60 -15.62
N ILE C 173 7.07 8.94 -16.74
CA ILE C 173 6.60 9.47 -18.02
C ILE C 173 5.08 9.44 -18.07
N GLY C 174 4.47 8.33 -17.68
CA GLY C 174 3.04 8.30 -17.69
C GLY C 174 2.37 9.16 -16.66
N ALA C 175 3.09 9.58 -15.62
CA ALA C 175 2.52 10.51 -14.65
C ALA C 175 2.69 11.96 -15.06
N ILE C 176 3.87 12.35 -15.52
CA ILE C 176 4.11 13.76 -15.78
C ILE C 176 3.85 14.15 -17.20
N SER C 177 3.66 13.23 -18.11
CA SER C 177 3.46 13.62 -19.48
C SER C 177 2.17 14.35 -19.81
N PRO C 178 1.00 14.04 -19.23
CA PRO C 178 -0.11 14.96 -19.45
C PRO C 178 0.11 16.30 -18.82
N PHE C 179 0.91 16.42 -17.76
CA PHE C 179 1.22 17.75 -17.23
C PHE C 179 2.16 18.53 -18.12
N VAL C 180 3.12 17.87 -18.76
CA VAL C 180 4.01 18.58 -19.67
C VAL C 180 3.24 18.99 -20.91
N GLY C 181 2.34 18.16 -21.38
CA GLY C 181 1.47 18.60 -22.44
C GLY C 181 0.55 19.72 -22.02
N LEU C 182 0.10 19.69 -20.78
CA LEU C 182 -0.76 20.75 -20.27
C LEU C 182 0.00 22.06 -20.10
N PHE C 183 1.27 22.00 -19.72
CA PHE C 183 2.08 23.19 -19.67
C PHE C 183 2.29 23.75 -21.06
N GLY C 184 2.43 22.89 -22.04
CA GLY C 184 2.55 23.35 -23.41
C GLY C 184 1.32 24.07 -23.88
N THR C 185 0.14 23.53 -23.59
CA THR C 185 -1.05 24.24 -24.02
C THR C 185 -1.36 25.47 -23.19
N VAL C 186 -1.00 25.51 -21.92
CA VAL C 186 -1.19 26.71 -21.12
C VAL C 186 -0.29 27.84 -21.61
N TRP C 187 0.96 27.51 -21.95
CA TRP C 187 1.82 28.52 -22.56
C TRP C 187 1.35 28.91 -23.94
N GLY C 188 0.75 27.99 -24.70
CA GLY C 188 0.26 28.37 -26.01
C GLY C 188 -0.92 29.31 -25.94
N ILE C 189 -1.89 29.04 -25.08
CA ILE C 189 -3.02 29.94 -24.91
C ILE C 189 -2.60 31.24 -24.23
N MET C 190 -1.61 31.21 -23.36
CA MET C 190 -1.13 32.42 -22.72
C MET C 190 -0.45 33.31 -23.73
N ASN C 191 0.33 32.74 -24.62
CA ASN C 191 0.88 33.55 -25.69
C ASN C 191 -0.16 33.99 -26.67
N SER C 192 -1.22 33.22 -26.84
CA SER C 192 -2.30 33.69 -27.69
C SER C 192 -3.03 34.89 -27.09
N PHE C 193 -3.23 34.89 -25.78
CA PHE C 193 -3.86 36.03 -25.13
C PHE C 193 -2.94 37.23 -25.07
N ILE C 194 -1.64 37.01 -24.97
CA ILE C 194 -0.70 38.11 -25.08
C ILE C 194 -0.74 38.68 -26.49
N GLY C 195 -0.85 37.84 -27.50
CA GLY C 195 -0.98 38.33 -28.85
C GLY C 195 -2.29 39.01 -29.12
N ILE C 196 -3.34 38.67 -28.38
CA ILE C 196 -4.62 39.36 -28.54
C ILE C 196 -4.74 40.61 -27.68
N ALA C 197 -3.88 40.78 -26.68
CA ALA C 197 -3.81 41.99 -25.88
C ALA C 197 -2.86 43.01 -26.46
N HIS C 198 -1.80 42.57 -27.12
CA HIS C 198 -0.85 43.50 -27.70
C HIS C 198 -1.43 44.18 -28.92
N SER C 199 -2.11 43.43 -29.76
CA SER C 199 -2.71 43.97 -30.96
C SER C 199 -4.21 43.86 -30.81
N GLN C 200 -4.91 44.98 -30.95
CA GLN C 200 -6.36 44.95 -30.75
C GLN C 200 -7.02 44.24 -31.92
N THR C 201 -7.12 42.92 -31.80
CA THR C 201 -7.65 42.05 -32.84
C THR C 201 -8.73 41.17 -32.24
N THR C 202 -9.96 41.30 -32.72
CA THR C 202 -11.04 40.61 -32.04
C THR C 202 -11.36 39.25 -32.63
N ASN C 203 -11.21 39.07 -33.95
CA ASN C 203 -11.65 37.84 -34.58
C ASN C 203 -10.74 36.67 -34.25
N LEU C 204 -11.30 35.47 -34.42
CA LEU C 204 -10.66 34.24 -34.01
C LEU C 204 -9.95 33.55 -35.14
N ALA C 205 -10.17 33.94 -36.38
CA ALA C 205 -9.47 33.31 -37.48
C ALA C 205 -8.00 33.68 -37.53
N VAL C 206 -7.56 34.68 -36.77
CA VAL C 206 -6.15 35.03 -36.64
C VAL C 206 -5.48 34.30 -35.50
N VAL C 207 -6.16 34.22 -34.35
CA VAL C 207 -5.61 33.57 -33.17
C VAL C 207 -5.86 32.08 -33.15
N ALA C 208 -6.44 31.51 -34.19
CA ALA C 208 -6.70 30.08 -34.20
C ALA C 208 -5.49 29.17 -34.40
N PRO C 209 -4.48 29.47 -35.23
CA PRO C 209 -3.31 28.58 -35.23
C PRO C 209 -2.55 28.56 -33.93
N GLY C 210 -2.61 29.63 -33.14
CA GLY C 210 -2.00 29.59 -31.84
C GLY C 210 -2.68 28.58 -30.94
N ILE C 211 -4.01 28.60 -30.92
CA ILE C 211 -4.75 27.64 -30.13
C ILE C 211 -4.57 26.23 -30.67
N ALA C 212 -4.44 26.05 -31.98
CA ALA C 212 -4.22 24.72 -32.54
C ALA C 212 -2.85 24.17 -32.15
N GLU C 213 -1.80 24.99 -32.18
CA GLU C 213 -0.47 24.54 -31.74
C GLU C 213 -0.49 24.16 -30.27
N ALA C 214 -1.15 24.96 -29.45
CA ALA C 214 -1.30 24.64 -28.05
C ALA C 214 -1.99 23.29 -27.83
N LEU C 215 -3.09 23.07 -28.55
CA LEU C 215 -3.80 21.81 -28.43
C LEU C 215 -2.97 20.64 -28.94
N LEU C 216 -2.12 20.87 -29.93
CA LEU C 216 -1.21 19.84 -30.40
C LEU C 216 -0.28 19.42 -29.29
N ALA C 217 0.17 20.37 -28.49
CA ALA C 217 1.04 20.03 -27.38
C ALA C 217 0.32 19.18 -26.37
N THR C 218 -0.95 19.49 -26.08
CA THR C 218 -1.64 18.60 -25.15
C THR C 218 -2.00 17.23 -25.73
N ALA C 219 -2.29 17.12 -27.03
CA ALA C 219 -2.51 15.80 -27.64
C ALA C 219 -1.27 14.97 -27.62
N MET C 220 -0.13 15.54 -27.97
CA MET C 220 1.14 14.86 -27.90
C MET C 220 1.47 14.46 -26.47
N GLY C 221 1.06 15.27 -25.51
CA GLY C 221 1.19 14.88 -24.12
C GLY C 221 0.46 13.60 -23.81
N LEU C 222 -0.78 13.48 -24.28
CA LEU C 222 -1.54 12.25 -24.07
C LEU C 222 -0.96 11.06 -24.85
N VAL C 223 -0.42 11.28 -26.04
CA VAL C 223 0.21 10.20 -26.79
C VAL C 223 1.47 9.73 -26.10
N ALA C 224 2.23 10.61 -25.47
CA ALA C 224 3.36 10.12 -24.70
C ALA C 224 2.95 9.50 -23.38
N ALA C 225 1.76 9.79 -22.89
CA ALA C 225 1.28 9.33 -21.60
C ALA C 225 0.65 7.96 -21.64
N ILE C 226 -0.16 7.67 -22.64
CA ILE C 226 -0.98 6.46 -22.67
C ILE C 226 -0.17 5.20 -22.91
N PRO C 227 0.79 5.10 -23.83
CA PRO C 227 1.66 3.95 -23.80
C PRO C 227 2.54 3.84 -22.59
N ALA C 228 2.84 4.92 -21.89
CA ALA C 228 3.60 4.84 -20.66
C ALA C 228 2.84 4.04 -19.62
N VAL C 229 1.58 4.37 -19.38
CA VAL C 229 0.74 3.62 -18.44
C VAL C 229 0.45 2.21 -18.93
N VAL C 230 0.11 2.01 -20.20
CA VAL C 230 -0.19 0.68 -20.71
C VAL C 230 1.03 -0.23 -20.59
N ILE C 231 2.19 0.22 -21.04
CA ILE C 231 3.41 -0.57 -20.98
C ILE C 231 3.83 -0.78 -19.54
N TYR C 232 3.65 0.21 -18.66
CA TYR C 232 3.92 0.01 -17.24
C TYR C 232 3.07 -1.10 -16.69
N ASN C 233 1.80 -1.14 -17.05
CA ASN C 233 0.90 -2.18 -16.55
C ASN C 233 1.31 -3.54 -17.04
N ILE C 234 1.50 -3.71 -18.35
CA ILE C 234 2.05 -4.94 -18.93
C ILE C 234 3.30 -5.40 -18.20
N PHE C 235 4.24 -4.50 -17.99
CA PHE C 235 5.51 -4.85 -17.38
C PHE C 235 5.29 -5.29 -15.96
N ALA C 236 4.47 -4.57 -15.20
CA ALA C 236 4.10 -4.96 -13.84
C ALA C 236 3.56 -6.38 -13.78
N ARG C 237 2.60 -6.71 -14.63
CA ARG C 237 2.08 -8.08 -14.71
C ARG C 237 3.19 -9.09 -14.98
N VAL C 238 3.96 -8.88 -16.06
CA VAL C 238 5.03 -9.80 -16.44
C VAL C 238 6.07 -9.93 -15.33
N ILE C 239 6.37 -8.85 -14.64
CA ILE C 239 7.42 -8.84 -13.64
C ILE C 239 6.93 -9.55 -12.41
N SER C 240 5.65 -9.44 -12.09
CA SER C 240 5.07 -10.22 -11.01
C SER C 240 5.05 -11.69 -11.32
N GLY C 241 4.68 -12.04 -12.54
CA GLY C 241 4.82 -13.42 -13.01
C GLY C 241 6.22 -13.93 -12.85
N HIS C 242 7.21 -13.10 -13.14
CA HIS C 242 8.58 -13.56 -13.14
C HIS C 242 9.13 -13.59 -11.73
N ARG C 243 8.62 -12.80 -10.86
CA ARG C 243 9.13 -12.75 -9.51
C ARG C 243 8.44 -13.80 -8.70
N ALA C 244 7.30 -14.27 -9.17
CA ALA C 244 6.72 -15.50 -8.66
C ALA C 244 7.50 -16.71 -9.11
N GLN C 245 8.01 -16.70 -10.34
CA GLN C 245 8.86 -17.82 -10.75
C GLN C 245 10.16 -17.88 -9.97
N VAL C 246 10.80 -16.73 -9.75
CA VAL C 246 12.04 -16.70 -8.98
C VAL C 246 11.76 -17.07 -7.54
N GLY C 247 10.63 -16.65 -6.99
CA GLY C 247 10.25 -17.09 -5.67
C GLY C 247 9.97 -18.56 -5.59
N ASP C 248 9.42 -19.14 -6.66
CA ASP C 248 9.19 -20.58 -6.70
C ASP C 248 10.48 -21.35 -6.75
N VAL C 249 11.45 -20.91 -7.54
CA VAL C 249 12.74 -21.61 -7.58
C VAL C 249 13.46 -21.48 -6.26
N ALA C 250 13.39 -20.32 -5.62
CA ALA C 250 13.98 -20.15 -4.30
C ALA C 250 13.30 -21.02 -3.29
N ALA C 251 11.98 -21.11 -3.36
CA ALA C 251 11.22 -22.02 -2.52
C ALA C 251 11.68 -23.43 -2.68
N GLN C 252 11.79 -23.90 -3.91
CA GLN C 252 12.31 -25.22 -4.21
C GLN C 252 13.68 -25.47 -3.60
N VAL C 253 14.59 -24.50 -3.71
CA VAL C 253 15.93 -24.65 -3.14
C VAL C 253 15.90 -24.72 -1.62
N LEU C 254 14.97 -24.01 -1.01
CA LEU C 254 14.87 -24.06 0.44
C LEU C 254 14.19 -25.32 0.90
N LEU C 255 13.39 -25.92 0.05
CA LEU C 255 12.74 -27.13 0.46
C LEU C 255 13.60 -28.32 0.18
N LEU C 256 14.54 -28.20 -0.73
CA LEU C 256 15.44 -29.31 -0.99
C LEU C 256 16.59 -29.29 -0.02
N GLN C 257 16.96 -28.12 0.44
CA GLN C 257 18.00 -28.03 1.44
C GLN C 257 17.46 -28.38 2.80
N GLY C 258 16.24 -27.99 3.11
CA GLY C 258 15.67 -28.38 4.38
C GLY C 258 15.41 -29.86 4.47
N ARG C 259 14.87 -30.45 3.41
CA ARG C 259 14.65 -31.88 3.42
C ARG C 259 15.95 -32.66 3.50
N ASP C 260 17.00 -32.24 2.79
CA ASP C 260 18.28 -32.94 2.92
C ASP C 260 18.87 -32.83 4.31
N LEU C 261 18.94 -31.63 4.87
CA LEU C 261 19.43 -31.47 6.24
C LEU C 261 18.64 -32.31 7.22
N ASP C 262 17.32 -32.33 7.08
CA ASP C 262 16.46 -33.10 7.96
C ASP C 262 16.72 -34.60 7.85
N LEU C 263 16.76 -35.13 6.63
CA LEU C 263 17.02 -36.54 6.42
C LEU C 263 18.42 -36.94 6.87
N ALA C 264 19.41 -36.08 6.65
CA ALA C 264 20.75 -36.37 7.12
C ALA C 264 20.79 -36.43 8.63
N ALA C 265 20.25 -35.40 9.31
CA ALA C 265 20.18 -35.37 10.76
C ALA C 265 19.47 -36.59 11.33
N THR C 266 18.49 -37.12 10.61
CA THR C 266 17.79 -38.31 11.08
C THR C 266 18.67 -39.52 11.00
N ALA C 267 19.31 -39.74 9.84
CA ALA C 267 20.21 -40.88 9.70
C ALA C 267 21.36 -40.84 10.70
N GLU C 268 21.97 -39.68 10.86
CA GLU C 268 23.04 -39.49 11.86
C GLU C 268 22.56 -39.82 13.25
N ALA C 269 21.37 -39.36 13.62
CA ALA C 269 20.80 -39.69 14.92
C ALA C 269 20.63 -41.20 15.09
N LYS C 270 20.08 -41.86 14.06
CA LYS C 270 19.87 -43.30 14.12
C LYS C 270 21.17 -44.06 14.27
N ARG C 271 22.25 -43.58 13.66
CA ARG C 271 23.51 -44.27 13.89
C ARG C 271 24.10 -43.93 15.25
N SER C 272 23.92 -42.70 15.72
CA SER C 272 24.52 -42.29 16.99
C SER C 272 23.82 -42.87 18.21
N GLN C 273 22.60 -43.42 18.06
CA GLN C 273 21.90 -43.98 19.21
C GLN C 273 22.61 -45.23 19.71
N HIS C 274 23.20 -46.00 18.78
CA HIS C 274 23.94 -47.19 19.16
C HIS C 274 25.23 -46.80 19.88
N ALA C 275 25.88 -45.72 19.46
CA ALA C 275 27.06 -45.22 20.18
C ALA C 275 26.67 -44.68 21.55
N HIS C 276 25.50 -44.06 21.66
CA HIS C 276 25.00 -43.52 22.92
C HIS C 276 24.81 -44.65 23.92
N GLN C 277 24.17 -45.74 23.48
CA GLN C 277 23.96 -46.90 24.34
C GLN C 277 25.21 -47.76 24.52
N LEU C 278 26.29 -47.51 23.76
CA LEU C 278 27.60 -48.08 24.10
C LEU C 278 28.44 -47.17 24.98
N ARG C 279 28.07 -45.90 25.11
CA ARG C 279 28.79 -44.96 25.96
C ARG C 279 28.18 -44.85 27.34
N ALA C 280 26.84 -44.81 27.43
CA ALA C 280 26.14 -44.65 28.69
C ALA C 280 25.98 -45.96 29.45
N GLY C 281 26.37 -47.09 28.88
CA GLY C 281 26.28 -48.37 29.57
C GLY C 281 27.44 -48.62 30.52
N ASP D 46 5.34 45.06 -22.47
CA ASP D 46 5.30 45.25 -21.03
C ASP D 46 4.72 43.99 -20.46
N LEU D 47 4.52 42.99 -21.31
CA LEU D 47 3.92 41.73 -20.91
C LEU D 47 4.91 40.58 -21.05
N SER D 48 6.15 40.79 -20.63
CA SER D 48 7.10 39.69 -20.55
C SER D 48 6.85 38.95 -19.26
N ILE D 49 7.61 37.88 -19.01
CA ILE D 49 7.42 37.07 -17.80
C ILE D 49 7.67 37.89 -16.55
N TRP D 50 8.62 38.82 -16.61
CA TRP D 50 8.75 39.71 -15.48
C TRP D 50 7.72 40.82 -15.56
N GLY D 51 7.43 41.28 -16.76
CA GLY D 51 6.40 42.30 -16.94
C GLY D 51 5.05 41.91 -16.40
N MET D 52 4.63 40.66 -16.61
CA MET D 52 3.34 40.19 -16.10
C MET D 52 3.33 40.09 -14.59
N TYR D 53 4.42 39.65 -13.99
CA TYR D 53 4.44 39.50 -12.53
C TYR D 53 4.24 40.83 -11.81
N GLN D 54 4.91 41.90 -12.24
CA GLN D 54 4.84 43.16 -11.52
C GLN D 54 3.57 43.94 -11.80
N HIS D 55 2.84 43.54 -12.82
CA HIS D 55 1.57 44.09 -13.23
C HIS D 55 0.42 43.26 -12.67
N ALA D 56 0.72 42.32 -11.77
CA ALA D 56 -0.29 41.41 -11.22
C ALA D 56 -0.88 41.94 -9.92
N ASP D 57 -1.85 41.20 -9.40
CA ASP D 57 -2.54 41.55 -8.17
C ASP D 57 -1.69 41.21 -6.96
N ALA D 58 -2.20 41.48 -5.78
CA ALA D 58 -1.45 41.13 -4.59
C ALA D 58 -1.50 39.64 -4.34
N VAL D 59 -2.67 39.04 -4.50
CA VAL D 59 -2.80 37.60 -4.27
C VAL D 59 -2.12 36.82 -5.38
N VAL D 60 -2.17 37.31 -6.62
CA VAL D 60 -1.50 36.59 -7.70
C VAL D 60 0.02 36.67 -7.55
N LYS D 61 0.56 37.81 -7.14
CA LYS D 61 1.99 37.89 -6.84
C LYS D 61 2.39 37.04 -5.66
N ALA D 62 1.53 36.91 -4.67
CA ALA D 62 1.85 36.03 -3.56
C ALA D 62 1.88 34.59 -4.01
N VAL D 63 0.98 34.21 -4.88
CA VAL D 63 0.98 32.86 -5.44
C VAL D 63 2.23 32.61 -6.26
N MET D 64 2.64 33.59 -7.06
CA MET D 64 3.82 33.42 -7.90
C MET D 64 5.11 33.35 -7.11
N ILE D 65 5.29 34.17 -6.08
CA ILE D 65 6.52 34.03 -5.32
C ILE D 65 6.46 32.80 -4.44
N GLY D 66 5.29 32.31 -4.08
CA GLY D 66 5.23 31.03 -3.40
C GLY D 66 5.66 29.90 -4.29
N LEU D 67 5.28 29.96 -5.57
CA LEU D 67 5.70 28.90 -6.49
C LEU D 67 7.16 29.01 -6.86
N VAL D 68 7.72 30.20 -6.93
CA VAL D 68 9.15 30.34 -7.15
C VAL D 68 9.94 29.85 -5.95
N LEU D 69 9.47 30.12 -4.73
CA LEU D 69 10.15 29.56 -3.56
C LEU D 69 10.02 28.06 -3.47
N ALA D 70 8.92 27.50 -3.96
CA ALA D 70 8.81 26.05 -4.04
C ALA D 70 9.78 25.47 -5.05
N SER D 71 10.00 26.18 -6.14
CA SER D 71 11.00 25.74 -7.12
C SER D 71 12.42 25.83 -6.58
N ILE D 72 12.74 26.88 -5.84
CA ILE D 72 14.06 27.02 -5.22
C ILE D 72 14.30 25.90 -4.22
N VAL D 73 13.28 25.58 -3.42
CA VAL D 73 13.41 24.48 -2.48
C VAL D 73 13.54 23.15 -3.21
N THR D 74 12.87 22.98 -4.35
CA THR D 74 12.96 21.74 -5.12
C THR D 74 14.35 21.49 -5.63
N TRP D 75 14.93 22.48 -6.29
CA TRP D 75 16.27 22.32 -6.83
C TRP D 75 17.33 22.33 -5.74
N THR D 76 17.08 22.97 -4.60
CA THR D 76 18.03 22.90 -3.51
C THR D 76 18.01 21.55 -2.81
N ILE D 77 16.83 20.96 -2.64
CA ILE D 77 16.74 19.59 -2.11
C ILE D 77 17.48 18.63 -3.04
N LEU D 78 17.36 18.83 -4.36
CA LEU D 78 18.10 18.01 -5.31
C LEU D 78 19.59 18.18 -5.18
N PHE D 79 20.10 19.38 -5.38
CA PHE D 79 21.54 19.57 -5.36
C PHE D 79 22.15 19.53 -4.00
N ALA D 80 21.41 19.42 -2.92
CA ALA D 80 22.03 19.32 -1.62
C ALA D 80 21.70 18.07 -0.86
N LYS D 81 20.83 17.23 -1.35
CA LYS D 81 20.63 15.93 -0.79
C LYS D 81 20.89 14.84 -1.78
N GLY D 82 20.76 15.10 -3.07
CA GLY D 82 21.24 14.14 -4.04
C GLY D 82 22.72 14.00 -3.99
N SER D 83 23.42 15.07 -3.66
CA SER D 83 24.85 14.99 -3.44
C SER D 83 25.18 14.15 -2.22
N GLU D 84 24.46 14.31 -1.12
CA GLU D 84 24.68 13.48 0.06
C GLU D 84 24.27 12.04 -0.16
N LEU D 85 23.24 11.80 -0.95
CA LEU D 85 22.82 10.44 -1.25
C LEU D 85 23.82 9.74 -2.12
N LEU D 86 24.34 10.42 -3.15
CA LEU D 86 25.34 9.80 -3.99
C LEU D 86 26.66 9.64 -3.28
N ARG D 87 27.00 10.54 -2.37
CA ARG D 87 28.20 10.34 -1.58
C ARG D 87 28.05 9.15 -0.65
N ALA D 88 26.90 9.00 -0.03
CA ALA D 88 26.67 7.85 0.84
C ALA D 88 26.58 6.56 0.07
N LYS D 89 26.06 6.58 -1.16
CA LYS D 89 26.02 5.38 -1.96
C LYS D 89 27.41 4.95 -2.35
N ARG D 90 28.25 5.88 -2.79
CA ARG D 90 29.61 5.56 -3.13
C ARG D 90 30.47 5.24 -1.94
N ARG D 91 30.07 5.63 -0.75
CA ARG D 91 30.84 5.26 0.42
C ARG D 91 30.48 3.87 0.90
N LEU D 92 29.19 3.53 0.88
CA LEU D 92 28.81 2.20 1.30
C LEU D 92 29.23 1.17 0.29
N ARG D 93 29.40 1.55 -0.97
CA ARG D 93 29.93 0.64 -1.97
C ARG D 93 31.38 0.28 -1.67
N ARG D 94 32.18 1.25 -1.24
CA ARG D 94 33.55 0.94 -0.87
C ARG D 94 33.62 0.08 0.37
N GLU D 95 32.77 0.36 1.35
CA GLU D 95 32.74 -0.46 2.56
C GLU D 95 32.19 -1.85 2.29
N GLN D 96 31.28 -1.97 1.34
CA GLN D 96 30.71 -3.26 1.02
C GLN D 96 31.73 -4.13 0.30
N LEU D 97 32.52 -3.52 -0.58
CA LEU D 97 33.61 -4.25 -1.21
C LEU D 97 34.71 -4.60 -0.23
N ALA D 98 34.93 -3.79 0.80
CA ALA D 98 35.95 -4.16 1.76
C ALA D 98 35.49 -5.31 2.63
N LEU D 99 34.28 -5.25 3.13
CA LEU D 99 33.81 -6.31 4.02
C LEU D 99 33.33 -7.54 3.29
N ALA D 100 33.31 -7.55 1.95
CA ALA D 100 32.83 -8.72 1.23
C ALA D 100 33.78 -9.89 1.30
N GLU D 101 35.00 -9.69 1.75
CA GLU D 101 35.98 -10.74 1.92
C GLU D 101 36.11 -11.18 3.37
N ALA D 102 35.16 -10.83 4.21
CA ALA D 102 35.22 -11.17 5.63
C ALA D 102 34.67 -12.55 5.90
N ARG D 103 35.27 -13.21 6.88
CA ARG D 103 34.86 -14.54 7.29
C ARG D 103 34.45 -14.62 8.75
N SER D 104 34.55 -13.54 9.51
CA SER D 104 34.06 -13.54 10.87
C SER D 104 33.67 -12.13 11.22
N LEU D 105 33.14 -11.94 12.40
CA LEU D 105 32.81 -10.58 12.79
C LEU D 105 34.04 -9.85 13.27
N ASP D 106 35.04 -10.57 13.75
CA ASP D 106 36.27 -9.93 14.16
C ASP D 106 37.07 -9.44 12.96
N GLU D 107 37.13 -10.19 11.85
CA GLU D 107 37.76 -9.66 10.66
C GLU D 107 36.99 -8.49 10.09
N ALA D 108 35.68 -8.49 10.18
CA ALA D 108 34.92 -7.36 9.71
C ALA D 108 35.13 -6.14 10.58
N SER D 109 35.28 -6.34 11.89
CA SER D 109 35.58 -5.21 12.76
C SER D 109 36.99 -4.68 12.53
N GLU D 110 37.93 -5.58 12.26
CA GLU D 110 39.29 -5.14 11.96
C GLU D 110 39.38 -4.42 10.64
N LEU D 111 38.57 -4.79 9.66
CA LEU D 111 38.55 -4.08 8.40
C LEU D 111 37.78 -2.81 8.50
N ALA D 112 36.89 -2.71 9.48
CA ALA D 112 36.08 -1.53 9.65
C ALA D 112 36.66 -0.54 10.62
N GLN D 113 37.80 -0.86 11.21
CA GLN D 113 38.46 0.09 12.09
C GLN D 113 38.87 1.34 11.34
N ASN D 114 39.26 1.21 10.07
CA ASN D 114 39.69 2.32 9.25
C ASN D 114 38.63 2.80 8.26
N PHE D 115 37.37 2.75 8.64
CA PHE D 115 36.31 3.24 7.78
C PHE D 115 36.09 4.71 8.12
N SER D 116 35.10 5.30 7.48
CA SER D 116 34.75 6.69 7.74
C SER D 116 34.15 6.81 9.13
N PRO D 117 34.29 7.95 9.79
CA PRO D 117 33.68 8.10 11.12
C PRO D 117 32.17 8.06 11.09
N GLU D 118 31.61 8.80 10.14
CA GLU D 118 30.17 8.89 9.94
C GLU D 118 29.65 7.88 8.93
N SER D 119 30.03 6.63 9.11
CA SER D 119 29.67 5.58 8.17
C SER D 119 28.44 4.84 8.66
N VAL D 120 28.11 3.76 7.99
CA VAL D 120 27.01 2.90 8.35
C VAL D 120 27.51 1.54 8.79
N SER D 121 28.48 1.01 8.08
CA SER D 121 28.95 -0.34 8.32
C SER D 121 29.64 -0.43 9.65
N ALA D 122 30.35 0.62 10.07
CA ALA D 122 30.95 0.62 11.40
C ALA D 122 29.90 0.73 12.48
N VAL D 123 28.80 1.44 12.23
CA VAL D 123 27.71 1.52 13.20
C VAL D 123 27.02 0.18 13.39
N LEU D 124 26.73 -0.50 12.30
CA LEU D 124 26.08 -1.79 12.38
C LEU D 124 27.01 -2.82 12.98
N LEU D 125 28.29 -2.74 12.66
CA LEU D 125 29.23 -3.68 13.26
C LEU D 125 29.44 -3.41 14.74
N ASN D 126 29.39 -2.16 15.17
CA ASN D 126 29.43 -1.91 16.59
C ASN D 126 28.18 -2.36 17.31
N ASP D 127 27.00 -2.29 16.68
CA ASP D 127 25.80 -2.87 17.30
C ASP D 127 25.94 -4.35 17.51
N ALA D 128 26.37 -5.07 16.47
CA ALA D 128 26.54 -6.49 16.61
C ALA D 128 27.55 -6.84 17.69
N GLN D 129 28.70 -6.17 17.70
CA GLN D 129 29.71 -6.46 18.71
C GLN D 129 29.29 -6.00 20.10
N ASN D 130 28.59 -4.89 20.18
CA ASN D 130 28.07 -4.38 21.43
C ASN D 130 27.10 -5.34 22.05
N GLU D 131 26.20 -5.90 21.25
CA GLU D 131 25.28 -6.92 21.74
C GLU D 131 26.03 -8.14 22.20
N LEU D 132 27.06 -8.55 21.47
CA LEU D 132 27.88 -9.66 21.91
C LEU D 132 28.56 -9.43 23.25
N GLU D 133 28.87 -8.18 23.61
CA GLU D 133 29.44 -7.94 24.95
C GLU D 133 28.43 -7.56 26.01
N LEU D 134 27.25 -7.04 25.65
CA LEU D 134 26.19 -6.83 26.63
C LEU D 134 25.59 -8.13 27.06
N SER D 135 25.47 -9.07 26.14
CA SER D 135 25.00 -10.40 26.42
C SER D 135 26.14 -11.35 26.62
N ALA D 136 27.28 -10.87 27.11
CA ALA D 136 28.26 -11.83 27.57
C ALA D 136 27.74 -12.42 28.87
N GLU D 137 28.17 -13.65 29.16
CA GLU D 137 27.74 -14.47 30.30
C GLU D 137 26.23 -14.76 30.26
N SER D 138 25.70 -14.74 29.04
CA SER D 138 24.39 -15.24 28.65
C SER D 138 24.57 -16.31 27.60
N ASN D 139 24.21 -17.54 27.93
CA ASN D 139 24.48 -18.68 27.08
C ASN D 139 23.45 -18.92 26.02
N ASP D 140 22.41 -18.12 25.93
CA ASP D 140 21.35 -18.34 24.97
C ASP D 140 21.72 -17.65 23.69
N ASN D 141 22.24 -18.39 22.70
CA ASN D 141 22.71 -17.77 21.48
C ASN D 141 21.58 -17.38 20.56
N ASN D 142 20.44 -18.05 20.67
CA ASN D 142 19.33 -17.65 19.85
C ASN D 142 18.81 -16.34 20.35
N GLY D 143 18.94 -16.08 21.64
CA GLY D 143 18.61 -14.79 22.19
C GLY D 143 19.43 -13.67 21.59
N ILE D 144 20.76 -13.82 21.59
CA ILE D 144 21.66 -12.82 21.01
C ILE D 144 21.35 -12.55 19.55
N LYS D 145 21.02 -13.60 18.79
CA LYS D 145 20.68 -13.42 17.38
C LYS D 145 19.38 -12.66 17.22
N GLU D 146 18.36 -12.98 18.00
CA GLU D 146 17.12 -12.22 17.91
C GLU D 146 17.27 -10.79 18.39
N ARG D 147 18.06 -10.56 19.43
CA ARG D 147 18.24 -9.19 19.90
C ARG D 147 19.09 -8.36 18.95
N THR D 148 20.11 -8.96 18.32
CA THR D 148 20.89 -8.25 17.33
C THR D 148 20.09 -7.96 16.09
N GLY D 149 19.28 -8.91 15.64
CA GLY D 149 18.40 -8.63 14.53
C GLY D 149 17.40 -7.55 14.86
N PHE D 150 17.00 -7.47 16.11
CA PHE D 150 16.09 -6.42 16.54
C PHE D 150 16.75 -5.06 16.54
N ARG D 151 17.96 -4.96 17.09
CA ARG D 151 18.69 -3.70 17.09
C ARG D 151 19.07 -3.25 15.70
N LEU D 152 19.46 -4.18 14.85
CA LEU D 152 19.87 -3.81 13.50
C LEU D 152 18.70 -3.43 12.63
N GLU D 153 17.55 -4.05 12.79
CA GLU D 153 16.42 -3.55 12.01
C GLU D 153 15.93 -2.23 12.56
N ARG D 154 16.09 -1.96 13.85
CA ARG D 154 15.79 -0.64 14.37
C ARG D 154 16.76 0.40 13.84
N ARG D 155 18.05 0.05 13.74
CA ARG D 155 19.08 0.96 13.25
C ARG D 155 18.98 1.20 11.76
N VAL D 156 18.67 0.18 10.99
CA VAL D 156 18.47 0.29 9.56
C VAL D 156 17.24 1.12 9.29
N ALA D 157 16.19 0.93 10.09
CA ALA D 157 15.00 1.74 9.94
C ALA D 157 15.27 3.20 10.26
N ALA D 158 16.10 3.47 11.25
CA ALA D 158 16.44 4.85 11.57
C ALA D 158 17.28 5.49 10.49
N TYR D 159 18.21 4.74 9.92
CA TYR D 159 19.08 5.27 8.88
C TYR D 159 18.28 5.55 7.62
N SER D 160 17.39 4.65 7.28
CA SER D 160 16.58 4.81 6.08
C SER D 160 15.54 5.88 6.27
N ARG D 161 15.13 6.14 7.49
CA ARG D 161 14.24 7.26 7.74
CA ARG D 161 14.24 7.26 7.74
C ARG D 161 14.96 8.59 7.64
N ASN D 162 16.24 8.63 8.01
CA ASN D 162 16.96 9.89 7.96
C ASN D 162 17.43 10.18 6.56
N MET D 163 17.37 9.19 5.70
CA MET D 163 17.80 9.31 4.32
C MET D 163 16.78 10.11 3.54
N GLY D 164 15.53 9.74 3.67
CA GLY D 164 14.44 10.43 3.02
C GLY D 164 13.89 11.57 3.83
N ARG D 165 14.65 12.65 3.99
CA ARG D 165 14.17 13.82 4.70
C ARG D 165 13.40 14.76 3.81
N GLY D 166 13.98 15.13 2.69
CA GLY D 166 13.35 16.02 1.77
C GLY D 166 12.24 15.44 0.99
N ASN D 167 11.94 14.15 1.16
CA ASN D 167 10.88 13.52 0.39
C ASN D 167 9.51 14.07 0.72
N GLY D 168 9.28 14.45 1.96
CA GLY D 168 8.01 15.05 2.31
C GLY D 168 7.80 16.38 1.64
N PHE D 169 8.86 17.18 1.56
CA PHE D 169 8.79 18.44 0.85
C PHE D 169 8.52 18.24 -0.62
N LEU D 170 9.19 17.27 -1.23
CA LEU D 170 9.02 17.06 -2.66
C LEU D 170 7.66 16.52 -2.99
N ALA D 171 7.13 15.62 -2.16
CA ALA D 171 5.80 15.08 -2.39
C ALA D 171 4.72 16.12 -2.16
N THR D 172 4.86 16.96 -1.16
CA THR D 172 3.88 18.01 -0.95
C THR D 172 3.95 19.06 -2.03
N ILE D 173 5.13 19.43 -2.50
CA ILE D 173 5.23 20.44 -3.55
C ILE D 173 4.66 19.91 -4.85
N GLY D 174 5.02 18.69 -5.23
CA GLY D 174 4.47 18.15 -6.45
C GLY D 174 3.01 17.81 -6.39
N ALA D 175 2.44 17.66 -5.20
CA ALA D 175 1.00 17.45 -5.08
C ALA D 175 0.22 18.75 -5.04
N ILE D 176 0.66 19.74 -4.27
CA ILE D 176 -0.16 20.92 -4.11
C ILE D 176 0.19 22.03 -5.07
N SER D 177 1.27 21.93 -5.79
CA SER D 177 1.64 23.01 -6.67
C SER D 177 0.74 23.24 -7.88
N PRO D 178 0.18 22.24 -8.56
CA PRO D 178 -0.82 22.58 -9.54
C PRO D 178 -2.07 23.14 -8.93
N PHE D 179 -2.40 22.83 -7.67
CA PHE D 179 -3.54 23.48 -7.03
C PHE D 179 -3.26 24.92 -6.66
N VAL D 180 -2.04 25.25 -6.26
CA VAL D 180 -1.73 26.63 -5.96
C VAL D 180 -1.69 27.44 -7.24
N GLY D 181 -1.19 26.86 -8.32
CA GLY D 181 -1.32 27.53 -9.58
C GLY D 181 -2.75 27.66 -10.04
N LEU D 182 -3.58 26.67 -9.74
CA LEU D 182 -4.99 26.73 -10.10
C LEU D 182 -5.73 27.78 -9.28
N PHE D 183 -5.36 27.96 -8.01
CA PHE D 183 -5.93 29.01 -7.21
C PHE D 183 -5.53 30.36 -7.75
N GLY D 184 -4.29 30.48 -8.24
CA GLY D 184 -3.87 31.72 -8.84
C GLY D 184 -4.65 32.06 -10.08
N THR D 185 -4.88 31.09 -10.94
CA THR D 185 -5.66 31.41 -12.14
C THR D 185 -7.14 31.58 -11.87
N VAL D 186 -7.69 30.91 -10.86
CA VAL D 186 -9.10 31.12 -10.52
C VAL D 186 -9.29 32.51 -9.94
N TRP D 187 -8.36 32.96 -9.11
CA TRP D 187 -8.43 34.35 -8.65
C TRP D 187 -8.18 35.33 -9.75
N GLY D 188 -7.35 35.01 -10.74
CA GLY D 188 -7.15 35.91 -11.84
C GLY D 188 -8.37 36.08 -12.71
N ILE D 189 -9.02 34.98 -13.07
CA ILE D 189 -10.24 35.06 -13.86
C ILE D 189 -11.40 35.63 -13.04
N MET D 190 -11.43 35.40 -11.73
CA MET D 190 -12.47 35.97 -10.90
C MET D 190 -12.32 37.47 -10.82
N ASN D 191 -11.10 37.96 -10.69
CA ASN D 191 -10.91 39.40 -10.73
C ASN D 191 -11.15 39.94 -12.12
N SER D 192 -10.92 39.16 -13.15
CA SER D 192 -11.26 39.63 -14.49
C SER D 192 -12.76 39.77 -14.67
N PHE D 193 -13.54 38.85 -14.13
CA PHE D 193 -14.99 38.96 -14.23
C PHE D 193 -15.54 40.05 -13.35
N ILE D 194 -14.90 40.30 -12.22
CA ILE D 194 -15.27 41.45 -11.41
C ILE D 194 -14.97 42.73 -12.15
N GLY D 195 -13.84 42.78 -12.85
CA GLY D 195 -13.53 43.94 -13.65
C GLY D 195 -14.44 44.11 -14.86
N ILE D 196 -15.00 43.01 -15.37
CA ILE D 196 -15.94 43.10 -16.48
C ILE D 196 -17.37 43.36 -16.02
N ALA D 197 -17.68 43.12 -14.75
CA ALA D 197 -18.97 43.43 -14.18
C ALA D 197 -19.05 44.83 -13.62
N HIS D 198 -17.93 45.36 -13.13
CA HIS D 198 -17.92 46.70 -12.58
C HIS D 198 -18.01 47.74 -13.68
N SER D 199 -17.29 47.54 -14.76
CA SER D 199 -17.29 48.45 -15.88
C SER D 199 -17.91 47.73 -17.05
N GLN D 200 -18.94 48.32 -17.65
CA GLN D 200 -19.62 47.63 -18.74
C GLN D 200 -18.74 47.67 -19.99
N THR D 201 -17.87 46.67 -20.10
CA THR D 201 -16.88 46.58 -21.18
C THR D 201 -17.01 45.21 -21.81
N THR D 202 -17.34 45.17 -23.08
CA THR D 202 -17.64 43.87 -23.68
C THR D 202 -16.43 43.24 -24.38
N ASN D 203 -15.55 44.04 -24.96
CA ASN D 203 -14.47 43.47 -25.77
C ASN D 203 -13.41 42.81 -24.91
N LEU D 204 -12.66 41.92 -25.56
CA LEU D 204 -11.70 41.06 -24.89
C LEU D 204 -10.30 41.60 -24.95
N ALA D 205 -10.02 42.59 -25.78
CA ALA D 205 -8.68 43.15 -25.83
C ALA D 205 -8.34 43.96 -24.58
N VAL D 206 -9.31 44.29 -23.74
CA VAL D 206 -9.07 44.95 -22.46
C VAL D 206 -8.85 43.95 -21.34
N VAL D 207 -9.67 42.90 -21.29
CA VAL D 207 -9.59 41.90 -20.25
C VAL D 207 -8.60 40.81 -20.56
N ALA D 208 -7.87 40.90 -21.65
CA ALA D 208 -6.90 39.86 -21.98
C ALA D 208 -5.62 39.82 -21.15
N PRO D 209 -5.00 40.93 -20.72
CA PRO D 209 -3.85 40.77 -19.82
C PRO D 209 -4.21 40.20 -18.48
N GLY D 210 -5.44 40.36 -18.02
CA GLY D 210 -5.86 39.71 -16.80
C GLY D 210 -5.89 38.21 -16.95
N ILE D 211 -6.44 37.73 -18.05
CA ILE D 211 -6.46 36.31 -18.31
C ILE D 211 -5.05 35.77 -18.55
N ALA D 212 -4.18 36.55 -19.17
CA ALA D 212 -2.81 36.10 -19.37
C ALA D 212 -2.04 35.99 -18.07
N GLU D 213 -2.21 36.95 -17.14
CA GLU D 213 -1.56 36.84 -15.82
C GLU D 213 -2.06 35.63 -15.06
N ALA D 214 -3.36 35.37 -15.11
CA ALA D 214 -3.93 34.19 -14.51
C ALA D 214 -3.31 32.92 -15.07
N LEU D 215 -3.23 32.82 -16.39
CA LEU D 215 -2.64 31.65 -17.02
C LEU D 215 -1.17 31.51 -16.70
N LEU D 216 -0.46 32.62 -16.50
CA LEU D 216 0.92 32.56 -16.07
C LEU D 216 1.03 31.90 -14.72
N ALA D 217 0.09 32.18 -13.84
CA ALA D 217 0.11 31.53 -12.53
C ALA D 217 -0.09 30.04 -12.66
N THR D 218 -1.00 29.60 -13.52
CA THR D 218 -1.12 28.15 -13.68
C THR D 218 0.05 27.49 -14.38
N ALA D 219 0.71 28.16 -15.35
CA ALA D 219 1.92 27.59 -15.96
C ALA D 219 3.03 27.47 -14.95
N MET D 220 3.24 28.49 -14.15
CA MET D 220 4.24 28.45 -13.09
C MET D 220 3.90 27.37 -12.08
N GLY D 221 2.61 27.13 -11.84
CA GLY D 221 2.23 26.01 -11.00
C GLY D 221 2.72 24.69 -11.56
N LEU D 222 2.54 24.47 -12.86
CA LEU D 222 3.05 23.24 -13.48
C LEU D 222 4.58 23.17 -13.51
N VAL D 223 5.26 24.29 -13.67
CA VAL D 223 6.72 24.30 -13.64
C VAL D 223 7.23 23.99 -12.23
N ALA D 224 6.55 24.44 -11.19
CA ALA D 224 6.97 24.02 -9.87
C ALA D 224 6.56 22.61 -9.53
N ALA D 225 5.60 22.05 -10.25
CA ALA D 225 5.07 20.72 -9.97
C ALA D 225 5.84 19.61 -10.64
N ILE D 226 6.26 19.78 -11.87
CA ILE D 226 6.83 18.69 -12.66
C ILE D 226 8.24 18.30 -12.21
N PRO D 227 9.19 19.18 -11.93
CA PRO D 227 10.40 18.72 -11.26
C PRO D 227 10.18 18.19 -9.87
N ALA D 228 9.14 18.57 -9.16
CA ALA D 228 8.86 17.99 -7.86
C ALA D 228 8.60 16.50 -7.98
N VAL D 229 7.71 16.10 -8.88
CA VAL D 229 7.42 14.69 -9.12
C VAL D 229 8.60 13.95 -9.74
N VAL D 230 9.27 14.53 -10.73
CA VAL D 230 10.42 13.86 -11.35
C VAL D 230 11.53 13.62 -10.34
N ILE D 231 11.90 14.64 -9.58
CA ILE D 231 12.95 14.51 -8.59
C ILE D 231 12.52 13.58 -7.47
N TYR D 232 11.25 13.62 -7.07
CA TYR D 232 10.76 12.67 -6.08
C TYR D 232 10.94 11.24 -6.57
N ASN D 233 10.64 10.99 -7.84
CA ASN D 233 10.77 9.65 -8.38
C ASN D 233 12.22 9.21 -8.40
N ILE D 234 13.12 10.02 -8.98
CA ILE D 234 14.56 9.77 -8.92
C ILE D 234 15.02 9.43 -7.50
N PHE D 235 14.63 10.25 -6.54
CA PHE D 235 15.07 10.08 -5.17
C PHE D 235 14.55 8.78 -4.62
N ALA D 236 13.27 8.48 -4.84
CA ALA D 236 12.69 7.21 -4.43
C ALA D 236 13.49 6.02 -4.95
N ARG D 237 13.81 6.00 -6.25
CA ARG D 237 14.66 4.95 -6.81
C ARG D 237 16.01 4.86 -6.10
N VAL D 238 16.73 5.99 -6.02
CA VAL D 238 18.06 6.00 -5.41
C VAL D 238 17.99 5.58 -3.95
N ILE D 239 16.94 5.96 -3.24
CA ILE D 239 16.83 5.70 -1.82
C ILE D 239 16.51 4.25 -1.61
N SER D 240 15.73 3.66 -2.51
CA SER D 240 15.49 2.22 -2.45
C SER D 240 16.74 1.42 -2.75
N GLY D 241 17.50 1.85 -3.75
CA GLY D 241 18.82 1.30 -3.99
C GLY D 241 19.70 1.34 -2.77
N HIS D 242 19.64 2.44 -2.04
CA HIS D 242 20.55 2.64 -0.93
C HIS D 242 20.05 1.90 0.28
N ARG D 243 18.77 1.67 0.39
CA ARG D 243 18.24 1.02 1.55
C ARG D 243 18.30 -0.47 1.35
N ALA D 244 18.43 -0.88 0.10
CA ALA D 244 18.83 -2.24 -0.19
C ALA D 244 20.29 -2.48 0.11
N GLN D 245 21.15 -1.49 -0.12
CA GLN D 245 22.55 -1.66 0.28
C GLN D 245 22.71 -1.74 1.79
N VAL D 246 22.00 -0.89 2.52
CA VAL D 246 22.07 -0.91 3.98
C VAL D 246 21.47 -2.20 4.52
N GLY D 247 20.41 -2.68 3.89
CA GLY D 247 19.89 -3.98 4.26
C GLY D 247 20.83 -5.10 3.96
N ASP D 248 21.61 -4.99 2.88
CA ASP D 248 22.61 -6.00 2.57
C ASP D 248 23.74 -6.01 3.57
N VAL D 249 24.23 -4.84 3.98
CA VAL D 249 25.29 -4.80 4.98
C VAL D 249 24.80 -5.31 6.31
N ALA D 250 23.56 -4.99 6.69
CA ALA D 250 22.98 -5.51 7.91
C ALA D 250 22.81 -7.01 7.83
N ALA D 251 22.38 -7.50 6.67
CA ALA D 251 22.29 -8.93 6.43
C ALA D 251 23.62 -9.61 6.63
N GLN D 252 24.67 -9.07 6.02
CA GLN D 252 26.02 -9.55 6.20
C GLN D 252 26.43 -9.62 7.66
N VAL D 253 26.13 -8.58 8.44
CA VAL D 253 26.48 -8.56 9.85
C VAL D 253 25.71 -9.61 10.64
N LEU D 254 24.48 -9.88 10.25
CA LEU D 254 23.71 -10.90 10.93
C LEU D 254 24.13 -12.28 10.52
N LEU D 255 24.70 -12.41 9.34
CA LEU D 255 25.12 -13.73 8.94
C LEU D 255 26.51 -14.02 9.43
N LEU D 256 27.30 -13.00 9.72
CA LEU D 256 28.62 -13.24 10.27
C LEU D 256 28.55 -13.46 11.74
N GLN D 257 27.59 -12.83 12.39
CA GLN D 257 27.41 -13.05 13.81
C GLN D 257 26.72 -14.36 14.07
N GLY D 258 25.76 -14.74 13.24
CA GLY D 258 25.13 -16.03 13.43
C GLY D 258 26.06 -17.17 13.16
N ARG D 259 26.84 -17.09 12.07
CA ARG D 259 27.80 -18.14 11.78
C ARG D 259 28.85 -18.25 12.87
N ASP D 260 29.37 -17.13 13.39
CA ASP D 260 30.34 -17.22 14.47
C ASP D 260 29.77 -17.84 15.73
N LEU D 261 28.61 -17.36 16.19
CA LEU D 261 27.97 -17.96 17.35
C LEU D 261 27.74 -19.45 17.16
N ASP D 262 27.28 -19.85 15.98
CA ASP D 262 27.01 -21.25 15.68
C ASP D 262 28.29 -22.08 15.73
N LEU D 263 29.34 -21.63 15.05
CA LEU D 263 30.61 -22.35 15.05
C LEU D 263 31.25 -22.40 16.42
N ALA D 264 31.15 -21.32 17.19
CA ALA D 264 31.67 -21.33 18.55
C ALA D 264 30.94 -22.34 19.40
N ALA D 265 29.61 -22.29 19.40
CA ALA D 265 28.78 -23.26 20.12
C ALA D 265 29.10 -24.69 19.73
N THR D 266 29.48 -24.92 18.48
CA THR D 266 29.83 -26.27 18.06
C THR D 266 31.14 -26.70 18.66
N ALA D 267 32.17 -25.85 18.57
CA ALA D 267 33.46 -26.21 19.16
C ALA D 267 33.36 -26.43 20.65
N GLU D 268 32.67 -25.53 21.35
CA GLU D 268 32.43 -25.66 22.80
C GLU D 268 31.74 -26.97 23.13
N ALA D 269 30.70 -27.32 22.34
CA ALA D 269 30.02 -28.58 22.55
C ALA D 269 30.97 -29.75 22.37
N LYS D 270 31.80 -29.73 21.31
CA LYS D 270 32.75 -30.81 21.07
C LYS D 270 33.76 -30.96 22.19
N ARG D 271 34.17 -29.87 22.82
CA ARG D 271 35.08 -30.04 23.96
C ARG D 271 34.37 -30.51 25.22
N SER D 272 33.13 -30.09 25.44
CA SER D 272 32.42 -30.44 26.67
C SER D 272 31.94 -31.88 26.70
N GLN D 273 31.93 -32.58 25.57
CA GLN D 273 31.48 -33.97 25.54
C GLN D 273 32.44 -34.87 26.30
N HIS D 274 33.73 -34.54 26.23
CA HIS D 274 34.73 -35.31 26.97
C HIS D 274 34.59 -35.04 28.48
N ALA D 275 34.24 -33.82 28.86
CA ALA D 275 33.96 -33.49 30.26
C ALA D 275 32.68 -34.16 30.76
N HIS D 276 31.68 -34.32 29.88
CA HIS D 276 30.40 -34.95 30.23
C HIS D 276 30.61 -36.39 30.65
N GLN D 277 31.41 -37.13 29.89
CA GLN D 277 31.70 -38.53 30.21
C GLN D 277 32.71 -38.69 31.35
N LEU D 278 33.33 -37.59 31.82
CA LEU D 278 34.06 -37.60 33.09
C LEU D 278 33.19 -37.19 34.26
N ARG D 279 32.03 -36.60 34.00
CA ARG D 279 31.12 -36.22 35.07
C ARG D 279 30.07 -37.28 35.30
N ALA D 280 29.52 -37.85 34.23
CA ALA D 280 28.46 -38.85 34.29
C ALA D 280 28.99 -40.26 34.54
N GLY D 281 30.31 -40.44 34.55
CA GLY D 281 30.90 -41.75 34.82
C GLY D 281 31.00 -42.10 36.29
N ASP E 46 -19.33 46.57 -4.45
CA ASP E 46 -20.26 45.74 -3.70
C ASP E 46 -19.85 44.32 -3.97
N LEU E 47 -18.73 44.13 -4.66
CA LEU E 47 -18.25 42.82 -5.04
C LEU E 47 -16.92 42.51 -4.36
N SER E 48 -16.81 42.84 -3.08
CA SER E 48 -15.66 42.40 -2.32
C SER E 48 -15.89 40.96 -1.88
N ILE E 49 -14.92 40.36 -1.20
CA ILE E 49 -15.02 38.97 -0.76
C ILE E 49 -16.18 38.79 0.19
N TRP E 50 -16.45 39.80 1.02
CA TRP E 50 -17.66 39.70 1.82
C TRP E 50 -18.86 40.12 0.99
N GLY E 51 -18.68 41.10 0.12
CA GLY E 51 -19.76 41.53 -0.77
C GLY E 51 -20.33 40.42 -1.63
N MET E 52 -19.46 39.57 -2.18
CA MET E 52 -19.92 38.46 -3.01
C MET E 52 -20.64 37.41 -2.20
N TYR E 53 -20.19 37.12 -0.99
CA TYR E 53 -20.85 36.09 -0.19
C TYR E 53 -22.30 36.43 0.13
N GLN E 54 -22.60 37.67 0.53
CA GLN E 54 -23.94 38.01 0.97
C GLN E 54 -24.90 38.25 -0.20
N HIS E 55 -24.36 38.38 -1.39
CA HIS E 55 -25.07 38.54 -2.64
C HIS E 55 -25.21 37.21 -3.36
N ALA E 56 -24.87 36.10 -2.70
CA ALA E 56 -24.91 34.77 -3.30
C ALA E 56 -26.24 34.06 -3.06
N ASP E 57 -26.36 32.87 -3.64
CA ASP E 57 -27.55 32.05 -3.53
C ASP E 57 -27.59 31.36 -2.18
N ALA E 58 -28.62 30.58 -1.96
CA ALA E 58 -28.68 29.85 -0.70
C ALA E 58 -27.73 28.68 -0.73
N VAL E 59 -27.68 27.95 -1.83
CA VAL E 59 -26.78 26.81 -1.93
C VAL E 59 -25.35 27.25 -2.02
N VAL E 60 -25.07 28.37 -2.70
CA VAL E 60 -23.69 28.83 -2.78
C VAL E 60 -23.20 29.34 -1.42
N LYS E 61 -24.05 30.02 -0.66
CA LYS E 61 -23.67 30.41 0.71
C LYS E 61 -23.50 29.22 1.61
N ALA E 62 -24.28 28.17 1.42
CA ALA E 62 -24.09 26.99 2.24
C ALA E 62 -22.77 26.32 1.92
N VAL E 63 -22.39 26.31 0.65
CA VAL E 63 -21.10 25.78 0.26
C VAL E 63 -19.97 26.61 0.85
N MET E 64 -20.11 27.93 0.84
CA MET E 64 -19.06 28.79 1.36
C MET E 64 -18.91 28.69 2.86
N ILE E 65 -20.00 28.63 3.63
CA ILE E 65 -19.79 28.49 5.06
C ILE E 65 -19.37 27.08 5.40
N GLY E 66 -19.67 26.09 4.58
CA GLY E 66 -19.12 24.78 4.81
C GLY E 66 -17.62 24.76 4.59
N LEU E 67 -17.15 25.49 3.58
CA LEU E 67 -15.70 25.56 3.38
C LEU E 67 -14.98 26.39 4.42
N VAL E 68 -15.61 27.44 4.93
CA VAL E 68 -15.00 28.19 6.01
C VAL E 68 -14.95 27.36 7.29
N LEU E 69 -15.98 26.57 7.58
CA LEU E 69 -15.91 25.70 8.73
C LEU E 69 -14.89 24.59 8.56
N ALA E 70 -14.67 24.15 7.33
CA ALA E 70 -13.59 23.19 7.09
C ALA E 70 -12.23 23.82 7.31
N SER E 71 -12.08 25.09 6.95
CA SER E 71 -10.83 25.78 7.22
C SER E 71 -10.61 26.02 8.72
N ILE E 72 -11.65 26.35 9.46
CA ILE E 72 -11.54 26.51 10.91
C ILE E 72 -11.15 25.21 11.57
N VAL E 73 -11.74 24.11 11.15
CA VAL E 73 -11.36 22.81 11.67
C VAL E 73 -9.93 22.46 11.29
N THR E 74 -9.48 22.84 10.09
CA THR E 74 -8.11 22.54 9.66
C THR E 74 -7.08 23.22 10.54
N TRP E 75 -7.23 24.52 10.73
CA TRP E 75 -6.28 25.26 11.54
C TRP E 75 -6.44 24.94 13.02
N THR E 76 -7.60 24.53 13.48
CA THR E 76 -7.75 24.11 14.86
C THR E 76 -7.13 22.76 15.12
N ILE E 77 -7.24 21.82 14.18
CA ILE E 77 -6.55 20.53 14.30
C ILE E 77 -5.05 20.78 14.34
N LEU E 78 -4.55 21.73 13.54
CA LEU E 78 -3.12 22.08 13.58
C LEU E 78 -2.71 22.64 14.93
N PHE E 79 -3.29 23.75 15.33
CA PHE E 79 -2.86 24.38 16.56
C PHE E 79 -3.30 23.67 17.81
N ALA E 80 -4.10 22.63 17.76
CA ALA E 80 -4.46 21.93 18.97
C ALA E 80 -4.06 20.50 19.01
N LYS E 81 -3.54 19.94 17.94
CA LYS E 81 -2.95 18.63 17.99
C LYS E 81 -1.51 18.64 17.59
N GLY E 82 -1.07 19.61 16.79
CA GLY E 82 0.35 19.77 16.60
C GLY E 82 1.03 20.19 17.87
N SER E 83 0.34 20.94 18.70
CA SER E 83 0.84 21.26 20.02
C SER E 83 0.96 20.03 20.90
N GLU E 84 -0.03 19.15 20.90
CA GLU E 84 0.04 17.92 21.66
C GLU E 84 1.07 16.95 21.10
N LEU E 85 1.25 16.93 19.78
CA LEU E 85 2.25 16.08 19.17
C LEU E 85 3.64 16.54 19.50
N LEU E 86 3.89 17.85 19.43
CA LEU E 86 5.20 18.36 19.76
C LEU E 86 5.48 18.25 21.23
N ARG E 87 4.47 18.37 22.08
CA ARG E 87 4.68 18.16 23.49
C ARG E 87 5.01 16.72 23.78
N ALA E 88 4.33 15.78 23.15
CA ALA E 88 4.63 14.39 23.35
C ALA E 88 5.96 13.99 22.76
N LYS E 89 6.38 14.62 21.67
CA LYS E 89 7.70 14.35 21.12
C LYS E 89 8.79 14.82 22.06
N ARG E 90 8.66 16.03 22.59
CA ARG E 90 9.64 16.53 23.54
C ARG E 90 9.57 15.84 24.87
N ARG E 91 8.49 15.18 25.21
CA ARG E 91 8.47 14.43 26.45
C ARG E 91 9.09 13.08 26.29
N LEU E 92 8.83 12.40 25.18
CA LEU E 92 9.46 11.11 24.98
C LEU E 92 10.93 11.23 24.70
N ARG E 93 11.38 12.37 24.20
CA ARG E 93 12.80 12.59 24.04
C ARG E 93 13.51 12.69 25.37
N ARG E 94 12.91 13.34 26.34
CA ARG E 94 13.51 13.40 27.67
C ARG E 94 13.50 12.04 28.34
N GLU E 95 12.42 11.29 28.18
CA GLU E 95 12.38 9.95 28.75
C GLU E 95 13.31 8.99 28.04
N GLN E 96 13.53 9.19 26.76
CA GLN E 96 14.43 8.34 26.01
C GLN E 96 15.87 8.59 26.40
N LEU E 97 16.22 9.86 26.64
CA LEU E 97 17.54 10.16 27.15
C LEU E 97 17.73 9.70 28.58
N ALA E 98 16.67 9.65 29.38
CA ALA E 98 16.85 9.14 30.73
C ALA E 98 17.05 7.64 30.73
N LEU E 99 16.24 6.91 29.99
CA LEU E 99 16.35 5.47 30.00
C LEU E 99 17.46 4.94 29.11
N ALA E 100 18.17 5.80 28.38
CA ALA E 100 19.22 5.32 27.50
C ALA E 100 20.44 4.83 28.25
N GLU E 101 20.55 5.11 29.53
CA GLU E 101 21.64 4.65 30.36
C GLU E 101 21.25 3.45 31.22
N ALA E 102 20.16 2.79 30.90
CA ALA E 102 19.67 1.67 31.70
C ALA E 102 20.33 0.37 31.28
N ARG E 103 20.55 -0.49 32.26
CA ARG E 103 21.14 -1.79 32.06
C ARG E 103 20.26 -2.94 32.51
N SER E 104 19.10 -2.67 33.07
CA SER E 104 18.17 -3.73 33.41
C SER E 104 16.78 -3.15 33.38
N LEU E 105 15.78 -3.98 33.59
CA LEU E 105 14.44 -3.44 33.62
C LEU E 105 14.15 -2.81 34.96
N ASP E 106 14.84 -3.24 36.01
CA ASP E 106 14.65 -2.61 37.30
C ASP E 106 15.27 -1.22 37.37
N GLU E 107 16.44 -1.00 36.75
CA GLU E 107 16.94 0.37 36.67
C GLU E 107 16.07 1.23 35.81
N ALA E 108 15.48 0.70 34.76
CA ALA E 108 14.58 1.50 33.94
C ALA E 108 13.30 1.80 34.69
N SER E 109 12.82 0.89 35.51
CA SER E 109 11.64 1.19 36.31
C SER E 109 11.95 2.19 37.41
N GLU E 110 13.14 2.12 37.99
CA GLU E 110 13.53 3.10 38.99
C GLU E 110 13.74 4.48 38.40
N LEU E 111 14.20 4.56 37.17
CA LEU E 111 14.34 5.86 36.51
C LEU E 111 13.02 6.34 36.02
N ALA E 112 12.07 5.46 35.80
CA ALA E 112 10.77 5.84 35.30
C ALA E 112 9.76 6.08 36.38
N GLN E 113 10.15 5.88 37.64
CA GLN E 113 9.25 6.19 38.74
C GLN E 113 8.89 7.66 38.77
N ASN E 114 9.82 8.54 38.40
CA ASN E 114 9.60 9.98 38.42
C ASN E 114 9.34 10.56 37.03
N PHE E 115 8.65 9.82 36.17
CA PHE E 115 8.31 10.33 34.87
C PHE E 115 6.96 11.01 34.97
N SER E 116 6.46 11.47 33.84
CA SER E 116 5.15 12.10 33.79
C SER E 116 4.06 11.05 34.04
N PRO E 117 2.92 11.43 34.59
CA PRO E 117 1.86 10.44 34.82
C PRO E 117 1.28 9.89 33.53
N GLU E 118 1.00 10.78 32.60
CA GLU E 118 0.45 10.43 31.30
C GLU E 118 1.52 10.22 30.24
N SER E 119 2.51 9.41 30.55
CA SER E 119 3.64 9.20 29.66
C SER E 119 3.43 7.93 28.86
N VAL E 120 4.46 7.54 28.13
CA VAL E 120 4.46 6.32 27.35
C VAL E 120 5.44 5.32 27.91
N SER E 121 6.62 5.79 28.29
CA SER E 121 7.67 4.90 28.72
C SER E 121 7.31 4.21 30.01
N ALA E 122 6.60 4.91 30.91
CA ALA E 122 6.15 4.26 32.13
C ALA E 122 5.05 3.25 31.85
N VAL E 123 4.21 3.48 30.84
CA VAL E 123 3.17 2.51 30.48
C VAL E 123 3.79 1.24 29.90
N LEU E 124 4.76 1.40 29.02
CA LEU E 124 5.41 0.25 28.42
C LEU E 124 6.23 -0.48 29.44
N LEU E 125 6.86 0.23 30.36
CA LEU E 125 7.62 -0.45 31.40
C LEU E 125 6.74 -1.16 32.39
N ASN E 126 5.56 -0.62 32.67
CA ASN E 126 4.64 -1.36 33.50
C ASN E 126 4.08 -2.58 32.80
N ASP E 127 3.88 -2.56 31.47
CA ASP E 127 3.48 -3.78 30.77
C ASP E 127 4.53 -4.85 30.89
N ALA E 128 5.78 -4.50 30.62
CA ALA E 128 6.86 -5.48 30.74
C ALA E 128 6.95 -6.05 32.14
N GLN E 129 6.91 -5.18 33.15
CA GLN E 129 7.03 -5.66 34.53
C GLN E 129 5.79 -6.41 34.97
N ASN E 130 4.62 -5.99 34.51
CA ASN E 130 3.36 -6.64 34.79
C ASN E 130 3.35 -8.05 34.25
N GLU E 131 3.80 -8.23 33.02
CA GLU E 131 3.92 -9.56 32.46
C GLU E 131 4.88 -10.40 33.24
N LEU E 132 5.99 -9.83 33.67
CA LEU E 132 6.93 -10.56 34.51
C LEU E 132 6.33 -11.02 35.84
N GLU E 133 5.34 -10.30 36.38
CA GLU E 133 4.69 -10.80 37.60
C GLU E 133 3.42 -11.62 37.37
N LEU E 134 2.75 -11.46 36.23
CA LEU E 134 1.64 -12.34 35.89
C LEU E 134 2.13 -13.71 35.51
N SER E 135 3.27 -13.77 34.83
CA SER E 135 3.92 -15.01 34.49
C SER E 135 4.99 -15.36 35.48
N ALA E 136 4.84 -14.97 36.72
CA ALA E 136 5.71 -15.55 37.73
C ALA E 136 5.25 -16.97 37.95
N GLU E 137 6.17 -17.83 38.38
CA GLU E 137 6.00 -19.28 38.57
C GLU E 137 5.62 -19.98 37.27
N SER E 138 6.05 -19.38 36.17
CA SER E 138 6.08 -19.92 34.82
C SER E 138 7.52 -19.90 34.34
N ASN E 139 8.09 -21.06 34.13
CA ASN E 139 9.51 -21.17 33.81
C ASN E 139 9.82 -21.02 32.35
N ASP E 140 8.85 -20.80 31.51
CA ASP E 140 9.08 -20.70 30.07
C ASP E 140 9.39 -19.26 29.76
N ASN E 141 10.67 -18.93 29.58
CA ASN E 141 11.05 -17.54 29.37
C ASN E 141 10.79 -17.11 27.96
N ASN E 142 10.76 -18.03 27.02
CA ASN E 142 10.43 -17.64 25.67
C ASN E 142 8.98 -17.28 25.61
N GLY E 143 8.17 -17.92 26.44
CA GLY E 143 6.78 -17.52 26.56
C GLY E 143 6.62 -16.08 26.99
N ILE E 144 7.28 -15.68 28.08
CA ILE E 144 7.22 -14.31 28.58
C ILE E 144 7.67 -13.31 27.55
N LYS E 145 8.72 -13.63 26.78
CA LYS E 145 9.18 -12.73 25.74
C LYS E 145 8.18 -12.59 24.63
N GLU E 146 7.59 -13.69 24.18
CA GLU E 146 6.55 -13.58 23.15
C GLU E 146 5.29 -12.89 23.63
N ARG E 147 4.89 -13.11 24.88
CA ARG E 147 3.71 -12.44 25.40
C ARG E 147 3.94 -10.98 25.65
N THR E 148 5.12 -10.58 26.12
CA THR E 148 5.46 -9.17 26.28
C THR E 148 5.58 -8.47 24.96
N GLY E 149 6.19 -9.10 23.97
CA GLY E 149 6.22 -8.51 22.66
C GLY E 149 4.84 -8.36 22.08
N PHE E 150 3.94 -9.27 22.43
CA PHE E 150 2.57 -9.18 21.97
C PHE E 150 1.83 -8.03 22.63
N ARG E 151 1.96 -7.88 23.95
CA ARG E 151 1.32 -6.77 24.65
C ARG E 151 1.88 -5.44 24.24
N LEU E 152 3.19 -5.36 24.02
CA LEU E 152 3.80 -4.09 23.66
C LEU E 152 3.49 -3.70 22.23
N GLU E 153 3.39 -4.65 21.31
CA GLU E 153 2.97 -4.22 19.98
C GLU E 153 1.50 -3.87 19.97
N ARG E 154 0.69 -4.48 20.84
CA ARG E 154 -0.69 -4.04 20.97
C ARG E 154 -0.80 -2.65 21.56
N ARG E 155 0.03 -2.35 22.56
CA ARG E 155 0.04 -1.05 23.23
C ARG E 155 0.61 0.05 22.36
N VAL E 156 1.66 -0.24 21.61
CA VAL E 156 2.26 0.69 20.68
C VAL E 156 1.29 0.96 19.55
N ALA E 157 0.59 -0.06 19.09
CA ALA E 157 -0.41 0.14 18.07
C ALA E 157 -1.55 1.00 18.56
N ALA E 158 -1.97 0.84 19.81
CA ALA E 158 -3.03 1.67 20.36
C ALA E 158 -2.58 3.10 20.53
N TYR E 159 -1.35 3.31 20.96
CA TYR E 159 -0.84 4.65 21.18
C TYR E 159 -0.70 5.38 19.87
N SER E 160 -0.22 4.70 18.86
CA SER E 160 -0.02 5.29 17.55
C SER E 160 -1.33 5.52 16.85
N ARG E 161 -2.34 4.74 17.19
CA ARG E 161 -3.66 5.01 16.65
CA ARG E 161 -3.66 5.00 16.65
C ARG E 161 -4.30 6.22 17.31
N ASN E 162 -4.00 6.47 18.57
CA ASN E 162 -4.62 7.60 19.24
C ASN E 162 -3.89 8.88 18.91
N MET E 163 -2.72 8.75 18.32
CA MET E 163 -1.90 9.88 17.93
C MET E 163 -2.49 10.54 16.71
N GLY E 164 -2.80 9.76 15.70
CA GLY E 164 -3.41 10.25 14.50
C GLY E 164 -4.90 10.28 14.56
N ARG E 165 -5.49 11.17 15.35
CA ARG E 165 -6.93 11.33 15.42
C ARG E 165 -7.46 12.27 14.37
N GLY E 166 -6.89 13.44 14.28
CA GLY E 166 -7.34 14.40 13.32
C GLY E 166 -6.94 14.12 11.90
N ASN E 167 -6.21 13.04 11.65
CA ASN E 167 -5.76 12.73 10.31
C ASN E 167 -6.91 12.38 9.38
N GLY E 168 -7.95 11.74 9.89
CA GLY E 168 -9.09 11.45 9.05
C GLY E 168 -9.81 12.70 8.62
N PHE E 169 -9.92 13.67 9.51
CA PHE E 169 -10.51 14.95 9.16
C PHE E 169 -9.69 15.67 8.12
N LEU E 170 -8.37 15.67 8.29
CA LEU E 170 -7.53 16.40 7.35
C LEU E 170 -7.51 15.75 5.98
N ALA E 171 -7.50 14.42 5.93
CA ALA E 171 -7.53 13.72 4.66
C ALA E 171 -8.87 13.88 3.95
N THR E 172 -9.97 13.83 4.69
CA THR E 172 -11.27 14.05 4.07
C THR E 172 -11.44 15.47 3.60
N ILE E 173 -10.98 16.45 4.36
CA ILE E 173 -11.13 17.84 3.94
C ILE E 173 -10.28 18.12 2.72
N GLY E 174 -9.03 17.70 2.73
CA GLY E 174 -8.20 17.93 1.57
C GLY E 174 -8.58 17.12 0.35
N ALA E 175 -9.34 16.04 0.51
CA ALA E 175 -9.83 15.30 -0.63
C ALA E 175 -11.13 15.85 -1.18
N ILE E 176 -12.10 16.17 -0.33
CA ILE E 176 -13.39 16.56 -0.84
C ILE E 176 -13.55 18.05 -1.00
N SER E 177 -12.65 18.85 -0.50
CA SER E 177 -12.84 20.27 -0.60
C SER E 177 -12.74 20.88 -1.99
N PRO E 178 -11.87 20.45 -2.91
CA PRO E 178 -12.03 20.94 -4.26
C PRO E 178 -13.30 20.46 -4.92
N PHE E 179 -13.87 19.31 -4.53
CA PHE E 179 -15.15 18.91 -5.08
C PHE E 179 -16.29 19.74 -4.53
N VAL E 180 -16.25 20.14 -3.28
CA VAL E 180 -17.30 20.99 -2.74
C VAL E 180 -17.21 22.38 -3.33
N GLY E 181 -16.00 22.87 -3.54
CA GLY E 181 -15.89 24.10 -4.29
C GLY E 181 -16.33 23.97 -5.72
N LEU E 182 -16.09 22.82 -6.33
CA LEU E 182 -16.52 22.59 -7.70
C LEU E 182 -18.03 22.47 -7.80
N PHE E 183 -18.68 21.90 -6.79
CA PHE E 183 -20.13 21.88 -6.76
C PHE E 183 -20.67 23.28 -6.62
N GLY E 184 -19.99 24.11 -5.84
CA GLY E 184 -20.41 25.50 -5.73
C GLY E 184 -20.33 26.24 -7.03
N THR E 185 -19.24 26.06 -7.78
CA THR E 185 -19.17 26.76 -9.05
C THR E 185 -20.06 26.16 -10.13
N VAL E 186 -20.33 24.87 -10.09
CA VAL E 186 -21.23 24.26 -11.05
C VAL E 186 -22.66 24.75 -10.80
N TRP E 187 -23.06 24.85 -9.53
CA TRP E 187 -24.35 25.44 -9.23
C TRP E 187 -24.39 26.92 -9.56
N GLY E 188 -23.29 27.63 -9.41
CA GLY E 188 -23.30 29.03 -9.77
C GLY E 188 -23.47 29.27 -11.26
N ILE E 189 -22.72 28.54 -12.07
CA ILE E 189 -22.86 28.65 -13.52
C ILE E 189 -24.19 28.08 -14.01
N MET E 190 -24.73 27.07 -13.35
CA MET E 190 -26.02 26.52 -13.72
C MET E 190 -27.11 27.53 -13.44
N ASN E 191 -27.05 28.21 -12.31
CA ASN E 191 -28.01 29.27 -12.07
C ASN E 191 -27.78 30.44 -12.98
N SER E 192 -26.55 30.67 -13.40
CA SER E 192 -26.32 31.73 -14.38
C SER E 192 -26.95 31.41 -15.73
N PHE E 193 -26.87 30.15 -16.16
CA PHE E 193 -27.49 29.76 -17.42
C PHE E 193 -29.00 29.72 -17.31
N ILE E 194 -29.53 29.38 -16.15
CA ILE E 194 -30.95 29.48 -15.94
C ILE E 194 -31.38 30.95 -15.99
N GLY E 195 -30.59 31.83 -15.43
CA GLY E 195 -30.90 33.24 -15.52
C GLY E 195 -30.75 33.81 -16.91
N ILE E 196 -29.91 33.21 -17.74
CA ILE E 196 -29.77 33.65 -19.12
C ILE E 196 -30.79 32.99 -20.06
N ALA E 197 -31.41 31.90 -19.64
CA ALA E 197 -32.48 31.26 -20.39
C ALA E 197 -33.85 31.80 -20.04
N HIS E 198 -34.04 32.23 -18.79
CA HIS E 198 -35.33 32.76 -18.39
C HIS E 198 -35.56 34.14 -18.98
N SER E 199 -34.54 34.97 -18.96
CA SER E 199 -34.62 36.31 -19.50
C SER E 199 -33.72 36.38 -20.71
N GLN E 200 -34.26 36.79 -21.84
CA GLN E 200 -33.45 36.82 -23.04
C GLN E 200 -32.46 37.98 -22.98
N THR E 201 -31.30 37.70 -22.40
CA THR E 201 -30.25 38.69 -22.16
C THR E 201 -28.95 38.15 -22.72
N THR E 202 -28.39 38.82 -23.70
CA THR E 202 -27.24 38.23 -24.38
C THR E 202 -25.91 38.68 -23.82
N ASN E 203 -25.81 39.93 -23.33
CA ASN E 203 -24.51 40.46 -22.93
C ASN E 203 -24.03 39.84 -21.62
N LEU E 204 -22.73 39.93 -21.41
CA LEU E 204 -22.05 39.27 -20.32
C LEU E 204 -21.83 40.19 -19.14
N ALA E 205 -22.01 41.48 -19.30
CA ALA E 205 -21.84 42.37 -18.16
C ALA E 205 -22.97 42.24 -17.13
N VAL E 206 -24.05 41.56 -17.47
CA VAL E 206 -25.12 41.28 -16.51
C VAL E 206 -24.90 39.96 -15.80
N VAL E 207 -24.50 38.92 -16.54
CA VAL E 207 -24.28 37.61 -15.96
C VAL E 207 -22.90 37.43 -15.37
N ALA E 208 -22.08 38.46 -15.34
CA ALA E 208 -20.74 38.35 -14.80
C ALA E 208 -20.63 38.25 -13.27
N PRO E 209 -21.42 38.94 -12.43
CA PRO E 209 -21.30 38.67 -10.99
C PRO E 209 -21.74 37.27 -10.61
N GLY E 210 -22.61 36.64 -11.39
CA GLY E 210 -22.95 35.26 -11.13
C GLY E 210 -21.75 34.35 -11.33
N ILE E 211 -21.04 34.55 -12.44
CA ILE E 211 -19.84 33.77 -12.69
C ILE E 211 -18.75 34.08 -11.68
N ALA E 212 -18.65 35.32 -11.23
CA ALA E 212 -17.65 35.65 -10.22
C ALA E 212 -17.95 34.99 -8.88
N GLU E 213 -19.22 34.96 -8.45
CA GLU E 213 -19.57 34.25 -7.22
C GLU E 213 -19.28 32.77 -7.32
N ALA E 214 -19.60 32.17 -8.45
CA ALA E 214 -19.26 30.79 -8.69
C ALA E 214 -17.77 30.52 -8.57
N LEU E 215 -16.97 31.35 -9.22
CA LEU E 215 -15.53 31.19 -9.16
C LEU E 215 -14.99 31.43 -7.75
N LEU E 216 -15.63 32.29 -6.97
CA LEU E 216 -15.25 32.47 -5.58
C LEU E 216 -15.42 31.19 -4.81
N ALA E 217 -16.49 30.47 -5.11
CA ALA E 217 -16.70 29.20 -4.42
C ALA E 217 -15.61 28.21 -4.77
N THR E 218 -15.21 28.15 -6.04
CA THR E 218 -14.10 27.23 -6.33
C THR E 218 -12.75 27.68 -5.77
N ALA E 219 -12.46 28.99 -5.71
CA ALA E 219 -11.22 29.45 -5.07
C ALA E 219 -11.21 29.13 -3.60
N MET E 220 -12.31 29.37 -2.90
CA MET E 220 -12.42 29.01 -1.51
C MET E 220 -12.30 27.52 -1.31
N GLY E 221 -12.77 26.73 -2.26
CA GLY E 221 -12.55 25.30 -2.22
C GLY E 221 -11.08 24.96 -2.20
N LEU E 222 -10.29 25.60 -3.07
CA LEU E 222 -8.84 25.36 -3.08
C LEU E 222 -8.15 25.89 -1.82
N VAL E 223 -8.61 27.00 -1.26
CA VAL E 223 -8.04 27.50 -0.01
C VAL E 223 -8.35 26.57 1.15
N ALA E 224 -9.51 25.95 1.18
CA ALA E 224 -9.74 24.96 2.22
C ALA E 224 -9.03 23.65 1.96
N ALA E 225 -8.63 23.40 0.73
CA ALA E 225 -8.01 22.14 0.32
C ALA E 225 -6.52 22.11 0.54
N ILE E 226 -5.81 23.19 0.25
CA ILE E 226 -4.35 23.18 0.23
C ILE E 226 -3.74 23.12 1.63
N PRO E 227 -4.18 23.87 2.64
CA PRO E 227 -3.71 23.54 3.98
C PRO E 227 -4.14 22.21 4.51
N ALA E 228 -5.21 21.61 4.02
CA ALA E 228 -5.58 20.27 4.44
C ALA E 228 -4.50 19.27 4.05
N VAL E 229 -4.09 19.29 2.79
CA VAL E 229 -3.01 18.40 2.31
C VAL E 229 -1.66 18.75 2.93
N VAL E 230 -1.29 20.03 3.00
CA VAL E 230 -0.01 20.40 3.58
C VAL E 230 0.09 19.99 5.03
N ILE E 231 -0.92 20.31 5.83
CA ILE E 231 -0.94 19.96 7.25
C ILE E 231 -1.00 18.46 7.42
N TYR E 232 -1.76 17.75 6.57
CA TYR E 232 -1.77 16.30 6.62
C TYR E 232 -0.38 15.75 6.41
N ASN E 233 0.36 16.29 5.44
CA ASN E 233 1.70 15.80 5.17
C ASN E 233 2.63 16.04 6.33
N ILE E 234 2.71 17.29 6.82
CA ILE E 234 3.45 17.61 8.04
C ILE E 234 3.14 16.64 9.17
N PHE E 235 1.86 16.41 9.43
CA PHE E 235 1.44 15.56 10.52
C PHE E 235 1.90 14.15 10.30
N ALA E 236 1.72 13.63 9.11
CA ALA E 236 2.22 12.30 8.74
C ALA E 236 3.70 12.14 9.04
N ARG E 237 4.52 13.09 8.59
CA ARG E 237 5.96 13.08 8.93
C ARG E 237 6.20 13.05 10.43
N VAL E 238 5.62 14.00 11.16
CA VAL E 238 5.81 14.11 12.61
C VAL E 238 5.33 12.84 13.31
N ILE E 239 4.25 12.25 12.85
CA ILE E 239 3.65 11.12 13.52
C ILE E 239 4.49 9.90 13.24
N SER E 240 5.09 9.80 12.06
CA SER E 240 6.02 8.72 11.79
C SER E 240 7.28 8.83 12.63
N GLY E 241 7.81 10.05 12.75
CA GLY E 241 8.88 10.31 13.69
C GLY E 241 8.55 9.88 15.09
N HIS E 242 7.32 10.11 15.51
CA HIS E 242 6.95 9.84 16.88
C HIS E 242 6.65 8.37 17.07
N ARG E 243 6.24 7.70 16.04
CA ARG E 243 5.89 6.31 16.18
C ARG E 243 7.13 5.48 16.02
N ALA E 244 8.16 6.06 15.43
CA ALA E 244 9.49 5.50 15.51
C ALA E 244 10.09 5.67 16.89
N GLN E 245 9.83 6.79 17.55
CA GLN E 245 10.30 6.92 18.93
C GLN E 245 9.61 5.94 19.87
N VAL E 246 8.30 5.77 19.73
CA VAL E 246 7.57 4.83 20.56
C VAL E 246 8.01 3.41 20.26
N GLY E 247 8.27 3.10 19.00
CA GLY E 247 8.83 1.82 18.66
C GLY E 247 10.22 1.61 19.20
N ASP E 248 11.02 2.67 19.28
CA ASP E 248 12.34 2.57 19.88
C ASP E 248 12.28 2.32 21.36
N VAL E 249 11.39 3.00 22.08
CA VAL E 249 11.26 2.76 23.52
C VAL E 249 10.74 1.36 23.78
N ALA E 250 9.79 0.88 22.97
CA ALA E 250 9.31 -0.47 23.10
C ALA E 250 10.39 -1.48 22.81
N ALA E 251 11.21 -1.20 21.79
CA ALA E 251 12.36 -2.02 21.48
C ALA E 251 13.30 -2.11 22.65
N GLN E 252 13.64 -0.98 23.24
CA GLN E 252 14.46 -0.93 24.43
C GLN E 252 13.90 -1.78 25.57
N VAL E 253 12.59 -1.70 25.81
CA VAL E 253 11.97 -2.49 26.87
C VAL E 253 12.02 -3.97 26.56
N LEU E 254 11.93 -4.35 25.31
CA LEU E 254 12.01 -5.75 24.95
C LEU E 254 13.43 -6.25 24.98
N LEU E 255 14.38 -5.37 24.82
CA LEU E 255 15.74 -5.82 24.86
C LEU E 255 16.26 -5.82 26.26
N LEU E 256 15.67 -5.06 27.15
CA LEU E 256 16.10 -5.08 28.54
C LEU E 256 15.45 -6.21 29.28
N GLN E 257 14.24 -6.57 28.87
CA GLN E 257 13.58 -7.69 29.48
C GLN E 257 14.13 -8.99 28.95
N GLY E 258 14.47 -9.06 27.66
CA GLY E 258 15.06 -10.27 27.15
C GLY E 258 16.45 -10.51 27.70
N ARG E 259 17.26 -9.47 27.77
CA ARG E 259 18.59 -9.63 28.34
C ARG E 259 18.53 -10.01 29.80
N ASP E 260 17.64 -9.42 30.60
CA ASP E 260 17.52 -9.83 31.99
C ASP E 260 17.08 -11.28 32.16
N LEU E 261 16.02 -11.68 31.47
CA LEU E 261 15.58 -13.07 31.52
C LEU E 261 16.69 -14.02 31.12
N ASP E 262 17.43 -13.69 30.07
CA ASP E 262 18.53 -14.52 29.59
C ASP E 262 19.64 -14.64 30.63
N LEU E 263 20.09 -13.51 31.18
CA LEU E 263 21.14 -13.52 32.19
C LEU E 263 20.70 -14.22 33.46
N ALA E 264 19.45 -14.04 33.87
CA ALA E 264 18.95 -14.74 35.04
C ALA E 264 18.93 -16.24 34.81
N ALA E 265 18.35 -16.69 33.70
CA ALA E 265 18.34 -18.09 33.33
C ALA E 265 19.73 -18.70 33.28
N THR E 266 20.72 -17.91 32.90
CA THR E 266 22.08 -18.42 32.87
C THR E 266 22.63 -18.62 34.25
N ALA E 267 22.48 -17.62 35.13
CA ALA E 267 22.96 -17.76 36.50
C ALA E 267 22.27 -18.91 37.22
N GLU E 268 20.95 -19.03 37.07
CA GLU E 268 20.20 -20.14 37.65
C GLU E 268 20.70 -21.48 37.16
N ALA E 269 20.96 -21.59 35.85
CA ALA E 269 21.52 -22.82 35.30
C ALA E 269 22.87 -23.14 35.93
N LYS E 270 23.74 -22.14 36.04
CA LYS E 270 25.07 -22.35 36.62
C LYS E 270 24.97 -22.79 38.07
N ARG E 271 24.00 -22.30 38.82
CA ARG E 271 23.88 -22.82 40.18
C ARG E 271 23.23 -24.20 40.21
N SER E 272 22.29 -24.47 39.31
CA SER E 272 21.59 -25.76 39.32
C SER E 272 22.43 -26.91 38.81
N GLN E 273 23.55 -26.64 38.12
CA GLN E 273 24.38 -27.74 37.62
C GLN E 273 25.03 -28.49 38.77
N HIS E 274 25.38 -27.77 39.84
CA HIS E 274 25.96 -28.41 41.02
C HIS E 274 24.91 -29.25 41.73
N ALA E 275 23.65 -28.78 41.76
CA ALA E 275 22.56 -29.60 42.32
C ALA E 275 22.29 -30.82 41.46
N HIS E 276 22.42 -30.68 40.13
CA HIS E 276 22.22 -31.78 39.21
C HIS E 276 23.23 -32.88 39.47
N GLN E 277 24.50 -32.49 39.62
CA GLN E 277 25.56 -33.45 39.93
C GLN E 277 25.57 -33.91 41.39
N LEU E 278 24.77 -33.27 42.27
CA LEU E 278 24.51 -33.85 43.60
C LEU E 278 23.27 -34.74 43.63
N ARG E 279 22.43 -34.66 42.62
CA ARG E 279 21.23 -35.48 42.53
C ARG E 279 21.45 -36.74 41.71
N ALA E 280 22.17 -36.62 40.60
CA ALA E 280 22.40 -37.74 39.69
C ALA E 280 23.55 -38.63 40.13
N GLY E 281 24.28 -38.26 41.18
CA GLY E 281 25.38 -39.07 41.68
C GLY E 281 24.91 -40.20 42.58
C43 PGT F . -22.43 2.77 -8.61
C42 PGT F . -22.61 1.27 -8.68
C41 PGT F . -21.88 0.71 -7.49
C40 PGT F . -21.82 -0.79 -7.63
C39 PGT F . -20.78 -1.20 -6.62
C38 PGT F . -20.23 -2.48 -7.14
C37 PGT F . -18.87 -2.69 -6.52
C36 PGT F . -18.85 -3.28 -5.12
C35 PGT F . -19.72 -4.51 -5.15
C34 PGT F . -19.36 -5.36 -3.96
C33 PGT F . -20.50 -6.29 -3.57
C32 PGT F . -20.93 -7.22 -4.67
C31 PGT F . -20.09 -8.46 -4.66
O31 PGT F . -19.72 -8.83 -5.69
O2 PGT F . -19.69 -9.14 -3.50
C2 PGT F . -20.46 -10.18 -2.92
C1 PGT F . -19.83 -10.53 -1.57
O3P PGT F . -19.83 -11.90 -1.34
P PGT F . -19.98 -12.45 0.22
O1P PGT F . -19.55 -11.34 1.14
O2P PGT F . -19.05 -13.61 0.46
O4P PGT F . -21.52 -12.96 0.54
C4 PGT F . -22.48 -12.12 1.14
C5 PGT F . -23.54 -11.70 0.14
O5 PGT F . -23.48 -12.58 -0.93
C6 PGT F . -23.31 -10.28 -0.37
O6 PGT F . -23.97 -10.12 -1.59
C3 PGT F . -20.61 -11.45 -3.77
O3 PGT F . -21.46 -11.15 -4.84
C11 PGT F . -21.58 -12.10 -5.85
O11 PGT F . -21.64 -13.26 -5.62
C12 PGT F . -21.47 -11.59 -7.27
C13 PGT F . -22.64 -10.73 -7.70
C14 PGT F . -22.08 -9.82 -8.78
C15 PGT F . -23.15 -9.50 -9.80
C16 PGT F . -22.69 -8.37 -10.71
C17 PGT F . -23.46 -8.50 -12.00
C18 PGT F . -23.55 -7.20 -12.77
C19 PGT F . -22.25 -6.45 -12.87
C20 PGT F . -22.50 -5.25 -13.77
C21 PGT F . -21.26 -4.41 -13.68
C22 PGT F . -21.23 -3.24 -14.64
C23 PGT F . -22.35 -2.28 -14.35
C24 PGT F . -22.15 -1.07 -15.24
C43 PGT G . -6.69 -0.68 -23.25
C42 PGT G . -5.64 -1.73 -23.55
C41 PGT G . -5.53 -2.60 -22.33
C40 PGT G . -4.34 -3.50 -22.48
C39 PGT G . -4.12 -4.03 -21.09
C38 PGT G . -2.67 -4.36 -21.02
C37 PGT G . -2.25 -4.39 -19.58
C36 PGT G . -2.54 -5.67 -18.82
C35 PGT G . -2.00 -6.81 -19.65
C34 PGT G . -1.84 -8.01 -18.75
C33 PGT G . -1.85 -9.30 -19.52
C32 PGT G . -0.77 -9.38 -20.58
C31 PGT G . 0.50 -9.90 -19.96
O31 PGT G . 1.47 -9.33 -20.26
O2 PGT G . 0.60 -10.97 -19.05
C2 PGT G . 0.72 -12.31 -19.48
C1 PGT G . 0.50 -13.20 -18.26
O3P PGT G . 1.39 -14.28 -18.21
P PGT G . 0.90 -15.69 -17.50
O1P PGT G . -0.22 -15.38 -16.54
O2P PGT G . 2.02 -16.27 -16.68
O4P PGT G . 0.47 -16.83 -18.62
C4 PGT G . -0.86 -17.01 -19.06
C5 PGT G . -1.03 -16.52 -20.49
O5 PGT G . 0.24 -16.50 -21.08
C6 PGT G . -1.64 -15.12 -20.55
O6 PGT G . -1.26 -14.51 -21.74
C3 PGT G . 2.06 -12.65 -20.16
O3 PGT G . 2.06 -12.05 -21.43
C11 PGT G . 3.25 -12.08 -22.15
O11 PGT G . 3.93 -13.04 -22.17
C12 PGT G . 3.69 -10.76 -22.77
C13 PGT G . 2.82 -10.31 -23.92
C14 PGT G . 2.94 -8.81 -23.98
C15 PGT G . 2.81 -8.32 -25.41
C16 PGT G . 2.64 -6.81 -25.45
C17 PGT G . 3.10 -6.32 -26.81
C18 PGT G . 2.48 -4.98 -27.17
C19 PGT G . 2.50 -3.94 -26.08
C20 PGT G . 1.95 -2.66 -26.69
C21 PGT G . 1.77 -1.71 -25.53
C22 PGT G . 1.39 -0.30 -25.93
C23 PGT G . 0.06 -0.28 -26.63
C24 PGT G . -0.31 1.18 -26.84
C43 PGT H . 10.12 12.26 -18.32
C42 PGT H . 11.49 12.11 -17.68
C41 PGT H . 11.47 10.79 -16.97
C40 PGT H . 12.72 10.71 -16.13
C39 PGT H . 12.46 9.57 -15.19
C38 PGT H . 13.29 9.86 -13.99
C37 PGT H . 12.71 9.10 -12.84
C36 PGT H . 13.12 7.64 -12.75
C35 PGT H . 14.62 7.59 -12.84
C34 PGT H . 15.07 6.27 -12.29
C33 PGT H . 16.43 5.86 -12.82
C32 PGT H . 17.51 6.87 -12.51
C31 PGT H . 18.09 6.60 -11.15
O31 PGT H . 18.26 7.52 -10.47
O2 PGT H . 18.39 5.33 -10.64
C2 PGT H . 19.64 4.71 -10.85
C1 PGT H . 19.49 3.25 -10.42
O3P PGT H . 20.45 2.86 -9.48
P PGT H . 21.12 1.35 -9.61
O1P PGT H . 20.17 0.47 -10.37
O2P PGT H . 21.34 0.73 -8.26
O4P PGT H . 22.58 1.46 -10.36
C4 PGT H . 22.86 0.67 -11.49
C5 PGT H . 22.91 1.42 -12.81
O5 PGT H . 24.26 1.54 -13.12
C6 PGT H . 22.32 2.82 -12.72
O6 PGT H . 21.55 3.09 -13.86
C3 PGT H . 20.84 5.36 -10.14
O3 PGT H . 21.10 6.60 -10.76
C11 PGT H . 22.01 7.47 -10.15
O11 PGT H . 22.99 7.08 -9.66
C12 PGT H . 21.56 8.92 -10.05
C13 PGT H . 21.49 9.64 -11.36
C14 PGT H . 20.46 10.74 -11.19
C15 PGT H . 20.80 11.95 -12.02
C16 PGT H . 19.62 12.93 -12.08
C17 PGT H . 20.20 14.29 -12.40
C18 PGT H . 19.16 15.22 -13.01
C19 PGT H . 17.82 15.23 -12.33
C20 PGT H . 16.99 16.28 -13.03
C21 PGT H . 15.59 16.11 -12.48
C22 PGT H . 14.60 17.19 -12.91
C23 PGT H . 14.41 17.17 -14.41
C24 PGT H . 13.30 18.16 -14.72
C43 PGT I . 4.75 23.74 -0.55
C42 PGT I . 5.06 23.74 0.93
C41 PGT I . 5.71 22.41 1.22
C40 PGT I . 5.81 22.24 2.72
C39 PGT I . 6.12 20.78 2.91
C38 PGT I . 5.59 20.45 4.27
C37 PGT I . 5.37 18.97 4.32
C36 PGT I . 6.59 18.12 4.63
C35 PGT I . 7.24 18.72 5.86
C34 PGT I . 8.14 17.66 6.43
C33 PGT I . 9.23 18.26 7.29
C32 PGT I . 8.72 19.10 8.43
C31 PGT I . 8.46 18.21 9.62
O31 PGT I . 7.46 18.41 10.18
O2 PGT I . 9.29 17.16 10.05
C2 PGT I . 10.35 17.38 10.96
C1 PGT I . 11.20 16.12 10.98
O3P PGT I . 11.52 15.71 12.28
P PGT I . 12.96 14.92 12.55
O1P PGT I . 13.41 14.30 11.26
O2P PGT I . 12.74 13.81 13.54
O4P PGT I . 14.10 15.94 13.18
C4 PGT I . 15.13 16.49 12.40
C5 PGT I . 14.92 17.97 12.15
O5 PGT I . 14.14 18.46 13.20
C6 PGT I . 14.23 18.25 10.83
O6 PGT I . 13.42 19.39 10.94
C3 PGT I . 9.91 17.76 12.39
O3 PGT I . 9.44 19.08 12.34
C11 PGT I . 8.83 19.60 13.49
O11 PGT I . 9.25 19.39 14.57
C12 PGT I . 7.53 20.34 13.25
C13 PGT I . 7.70 21.66 12.52
C14 PGT I . 6.37 21.88 11.84
C15 PGT I . 6.06 23.35 11.73
C16 PGT I . 4.88 23.60 10.80
C17 PGT I . 4.28 24.93 11.20
C18 PGT I . 3.49 25.56 10.07
C19 PGT I . 2.56 24.64 9.33
C20 PGT I . 1.80 25.50 8.34
C21 PGT I . 1.04 24.52 7.47
C22 PGT I . 0.07 25.17 6.50
C23 PGT I . 0.80 26.06 5.53
C24 PGT I . -0.22 26.54 4.51
C43 PGT J . -15.39 17.90 5.44
C42 PGT J . -16.06 17.03 6.47
C41 PGT J . -14.96 16.20 7.08
C40 PGT J . -15.60 15.15 7.95
C39 PGT J . -14.49 14.17 8.21
C38 PGT J . -15.16 12.87 8.46
C37 PGT J . -14.17 11.76 8.19
C36 PGT J . -13.21 11.45 9.33
C35 PGT J . -14.04 11.28 10.58
C34 PGT J . -13.21 10.53 11.58
C33 PGT J . -13.65 10.77 13.01
C32 PGT J . -15.09 10.39 13.27
C31 PGT J . -15.17 8.93 13.60
O31 PGT J . -16.02 8.34 13.08
O2 PGT J . -14.27 8.24 14.42
C2 PGT J . -14.42 8.16 15.83
C1 PGT J . -13.12 7.60 16.40
O3P PGT J . -13.35 6.50 17.23
P PGT J . -12.48 6.35 18.63
O1P PGT J . -11.21 7.14 18.50
O2P PGT J . -12.12 4.92 18.91
O4P PGT J . -13.40 6.90 19.89
C4 PGT J . -12.88 7.85 20.78
C5 PGT J . -13.49 9.24 20.64
O5 PGT J . -14.33 9.39 21.74
C6 PGT J . -14.33 9.40 19.39
O6 PGT J . -14.10 10.64 18.79
C3 PGT J . -15.63 7.35 16.31
O3 PGT J . -16.79 8.07 16.01
C11 PGT J . -18.03 7.48 16.21
O11 PGT J . -18.26 6.80 17.14
C12 PGT J . -19.00 7.63 15.05
C13 PGT J . -19.51 9.04 14.86
C14 PGT J . -19.89 9.14 13.39
C15 PGT J . -21.05 10.09 13.21
C16 PGT J . -21.25 10.44 11.74
C17 PGT J . -22.68 10.87 11.55
C18 PGT J . -22.87 11.74 10.33
C19 PGT J . -22.20 11.26 9.08
C20 PGT J . -22.61 12.21 7.97
C21 PGT J . -21.75 11.83 6.78
C22 PGT J . -22.10 12.53 5.48
C23 PGT J . -21.94 14.02 5.58
C24 PGT J . -22.17 14.56 4.18
#